data_6BCG
#
_entry.id   6BCG
#
_cell.length_a   43.859
_cell.length_b   65.942
_cell.length_c   169.734
_cell.angle_alpha   89.99
_cell.angle_beta   90.03
_cell.angle_gamma   90.24
#
_symmetry.space_group_name_H-M   'P 1'
#
loop_
_entity.id
_entity.type
_entity.pdbx_description
1 polymer 'Ribosomal protein 3/homing endonuclease-like fusion protein'
2 polymer 'DNA (26-MER)'
3 polymer 'DNA (26-MER)'
4 non-polymer 'CALCIUM ION'
5 water water
#
loop_
_entity_poly.entity_id
_entity_poly.type
_entity_poly.pdbx_seq_one_letter_code
_entity_poly.pdbx_strand_id
1 'polypeptide(L)'
;SYSTLANFPVQARNDNISPWTITGFADGESSFMLTVSKDSKRNTGWSVRPRFRIGLHNKDVTILKSIREYLGAGIITSDI
DARIRFESLKELEVVINHFDKYPLITQKRADYLLFKKAFYLIKNKEHLTEEGLNQILTLKASLNLGLSEELKEAFPNTIP
AERLLVTGQEIPDSNWVAGFTAGEGSFYIRIAKNSTLKTGYQVQSVFQITQDTRDIELMKNLISYLNCGNIRIRKYKGSE
GIHDTCVDLVVTNLNDIKEKIIPFFNKNHIIGVKLQDYRDWCKVVTLIDNKEHLTSEGLEKIQKIKEGMNRGRSL
;
D,A,G,J
2 'polydeoxyribonucleotide'
;(DG)(DG)(DT)(DC)(DT)(DA)(DA)(DA)(DC)(DG)(DT)(DC)(DG)(DT)(DA)(DT)(DA)(DG)(DG)(DA)
(DG)(DC)(DA)(DT)(DT)(DT)
;
E,B,H,K
3 'polydeoxyribonucleotide'
;(DC)(DA)(DA)(DA)(DT)(DG)(DC)(DT)(DC)(DC)(DT)(DA)(DT)(DA)(DC)(DG)(DA)(DC)(DG)(DT)
(DT)(DT)(DA)(DG)(DA)(DC)
;
F,C,I,L
#
loop_
_chem_comp.id
_chem_comp.type
_chem_comp.name
_chem_comp.formula
CA non-polymer 'CALCIUM ION' 'Ca 2'
DA DNA linking 2'-DEOXYADENOSINE-5'-MONOPHOSPHATE 'C10 H14 N5 O6 P'
DC DNA linking 2'-DEOXYCYTIDINE-5'-MONOPHOSPHATE 'C9 H14 N3 O7 P'
DG DNA linking 2'-DEOXYGUANOSINE-5'-MONOPHOSPHATE 'C10 H14 N5 O7 P'
DT DNA linking THYMIDINE-5'-MONOPHOSPHATE 'C10 H15 N2 O8 P'
#
# COMPACT_ATOMS: atom_id res chain seq x y z
N ASN A 16 -25.08 30.88 21.69
CA ASN A 16 -24.92 29.64 20.93
C ASN A 16 -25.19 29.81 19.44
N ILE A 17 -24.29 29.27 18.63
CA ILE A 17 -24.33 29.37 17.17
C ILE A 17 -25.51 28.58 16.60
N SER A 18 -26.10 29.07 15.50
CA SER A 18 -27.23 28.37 14.89
C SER A 18 -26.79 27.20 14.01
N PRO A 19 -27.62 26.13 13.96
CA PRO A 19 -27.37 24.91 13.17
C PRO A 19 -27.28 25.13 11.65
N TRP A 20 -28.10 26.05 11.14
CA TRP A 20 -28.13 26.38 9.72
C TRP A 20 -26.87 27.13 9.29
N THR A 21 -26.28 27.87 10.22
CA THR A 21 -25.00 28.51 9.96
C THR A 21 -23.98 27.41 9.71
N ILE A 22 -24.07 26.37 10.52
CA ILE A 22 -23.21 25.21 10.43
C ILE A 22 -23.36 24.48 9.10
N THR A 23 -24.62 24.22 8.71
CA THR A 23 -24.83 23.50 7.46
C THR A 23 -24.33 24.30 6.27
N GLY A 24 -24.60 25.61 6.25
CA GLY A 24 -24.11 26.45 5.18
C GLY A 24 -22.61 26.56 5.04
N PHE A 25 -21.98 26.69 6.19
CA PHE A 25 -20.55 26.81 6.24
C PHE A 25 -19.92 25.50 5.76
N ALA A 26 -20.55 24.37 6.12
CA ALA A 26 -20.09 23.06 5.67
C ALA A 26 -20.31 22.89 4.17
N ASP A 27 -21.45 23.39 3.69
CA ASP A 27 -21.78 23.47 2.27
C ASP A 27 -20.63 24.12 1.52
N GLY A 28 -19.99 25.10 2.16
CA GLY A 28 -18.85 25.77 1.57
C GLY A 28 -17.54 25.00 1.73
N GLU A 29 -17.20 24.66 2.96
CA GLU A 29 -15.86 24.21 3.34
C GLU A 29 -15.63 22.75 3.74
N SER A 30 -16.67 21.92 3.82
CA SER A 30 -16.48 20.58 4.37
C SER A 30 -16.13 19.55 3.29
N SER A 31 -15.65 18.38 3.71
CA SER A 31 -15.41 17.25 2.83
C SER A 31 -15.85 15.90 3.41
N PHE A 32 -16.52 15.11 2.57
CA PHE A 32 -16.85 13.72 2.89
C PHE A 32 -15.91 12.80 2.14
N MET A 33 -15.26 11.88 2.85
CA MET A 33 -14.19 11.10 2.25
C MET A 33 -14.29 9.63 2.60
N LEU A 34 -13.82 8.79 1.68
CA LEU A 34 -13.67 7.38 1.94
C LEU A 34 -12.24 7.02 1.56
N THR A 35 -11.46 6.57 2.53
CA THR A 35 -10.11 6.12 2.25
C THR A 35 -10.10 4.60 2.14
N VAL A 36 -9.59 4.13 1.00
CA VAL A 36 -9.42 2.71 0.75
C VAL A 36 -7.94 2.42 0.48
N SER A 37 -7.28 1.84 1.47
CA SER A 37 -5.84 1.61 1.47
C SER A 37 -5.48 0.13 1.47
N LYS A 38 -4.48 -0.24 0.66
CA LYS A 38 -3.99 -1.62 0.65
C LYS A 38 -3.49 -2.05 2.02
N ASP A 39 -3.92 -3.23 2.45
CA ASP A 39 -3.59 -3.74 3.77
C ASP A 39 -3.53 -5.26 3.76
N LYS A 41 -2.51 -7.99 6.79
CA LYS A 41 -3.12 -7.77 8.09
C LYS A 41 -4.66 -7.94 8.05
N ARG A 42 -5.21 -7.97 6.85
CA ARG A 42 -6.66 -8.11 6.70
C ARG A 42 -7.03 -9.00 5.52
N ASN A 43 -8.18 -9.65 5.62
CA ASN A 43 -8.63 -10.62 4.60
C ASN A 43 -9.00 -10.18 3.17
N THR A 44 -9.55 -8.99 2.98
CA THR A 44 -9.84 -8.55 1.63
C THR A 44 -8.62 -7.91 0.99
N GLY A 45 -7.65 -7.59 1.82
CA GLY A 45 -6.45 -6.91 1.36
C GLY A 45 -6.65 -5.42 1.36
N TRP A 46 -7.82 -4.95 1.81
CA TRP A 46 -8.05 -3.51 1.78
C TRP A 46 -8.66 -3.06 3.10
N SER A 47 -8.30 -1.83 3.46
CA SER A 47 -8.81 -1.10 4.62
C SER A 47 -9.73 -0.01 4.12
N VAL A 48 -10.91 0.06 4.73
CA VAL A 48 -11.91 1.04 4.37
C VAL A 48 -12.34 1.91 5.53
N ARG A 49 -12.32 3.22 5.31
CA ARG A 49 -12.73 4.15 6.37
C ARG A 49 -13.39 5.42 5.90
N PRO A 50 -14.37 5.87 6.68
CA PRO A 50 -15.05 7.11 6.35
C PRO A 50 -14.41 8.30 7.11
N ARG A 51 -14.46 9.49 6.52
CA ARG A 51 -13.96 10.68 7.19
C ARG A 51 -14.90 11.83 6.84
N PHE A 52 -15.16 12.70 7.80
CA PHE A 52 -15.79 13.98 7.53
C PHE A 52 -14.95 15.11 8.11
N ARG A 53 -14.73 16.19 7.36
CA ARG A 53 -13.80 17.20 7.87
C ARG A 53 -14.20 18.61 7.43
N ILE A 54 -13.94 19.60 8.29
CA ILE A 54 -14.04 20.98 7.88
C ILE A 54 -12.74 21.72 8.13
N GLY A 55 -12.27 22.39 7.09
CA GLY A 55 -11.02 23.13 7.11
C GLY A 55 -10.98 24.59 6.71
N LEU A 56 -10.31 25.40 7.52
CA LEU A 56 -10.25 26.86 7.39
C LEU A 56 -8.85 27.30 7.62
N HIS A 57 -8.59 28.57 7.35
CA HIS A 57 -7.32 29.17 7.72
C HIS A 57 -7.20 29.10 9.25
N ASN A 58 -5.96 28.95 9.71
CA ASN A 58 -5.61 28.90 11.14
C ASN A 58 -6.26 29.94 12.05
N LYS A 59 -6.52 31.12 11.53
CA LYS A 59 -7.09 32.23 12.30
C LYS A 59 -8.52 32.03 12.85
N ASP A 60 -9.25 31.03 12.36
CA ASP A 60 -10.67 30.86 12.74
C ASP A 60 -11.11 29.66 13.61
N VAL A 61 -10.18 29.12 14.41
CA VAL A 61 -10.51 28.07 15.38
C VAL A 61 -11.70 28.31 16.30
N THR A 62 -11.94 29.55 16.72
CA THR A 62 -13.07 29.79 17.59
C THR A 62 -14.38 29.33 17.00
N ILE A 63 -14.52 29.47 15.68
CA ILE A 63 -15.74 29.00 15.03
C ILE A 63 -15.84 27.51 15.24
N LEU A 64 -14.73 26.82 15.04
CA LEU A 64 -14.76 25.40 15.19
C LEU A 64 -15.09 24.99 16.61
N LYS A 65 -14.57 25.70 17.60
CA LYS A 65 -14.93 25.26 18.95
C LYS A 65 -16.40 25.43 19.17
N SER A 66 -16.94 26.52 18.65
CA SER A 66 -18.35 26.77 18.81
C SER A 66 -19.20 25.74 18.12
N ILE A 67 -18.79 25.39 16.90
CA ILE A 67 -19.51 24.38 16.12
C ILE A 67 -19.38 23.07 16.90
N ARG A 68 -18.17 22.78 17.40
CA ARG A 68 -17.91 21.58 18.18
C ARG A 68 -18.88 21.58 19.37
N GLU A 69 -19.04 22.73 20.00
CA GLU A 69 -19.88 22.85 21.19
C GLU A 69 -21.32 22.56 20.84
N TYR A 70 -21.74 23.00 19.66
CA TYR A 70 -23.09 22.73 19.22
C TYR A 70 -23.29 21.22 19.08
N LEU A 71 -22.40 20.52 18.38
CA LEU A 71 -22.70 19.13 18.04
C LEU A 71 -22.26 18.20 19.17
N GLY A 72 -21.35 18.70 20.00
CA GLY A 72 -20.78 17.88 21.05
C GLY A 72 -19.84 16.81 20.53
N ALA A 73 -19.19 17.09 19.40
CA ALA A 73 -18.33 16.11 18.74
C ALA A 73 -17.39 16.76 17.73
N GLY A 74 -16.31 16.05 17.38
CA GLY A 74 -15.29 16.49 16.44
C GLY A 74 -13.94 16.75 17.11
N ILE A 75 -12.83 16.43 16.46
CA ILE A 75 -11.52 16.65 17.06
C ILE A 75 -10.82 17.74 16.26
N ILE A 76 -10.43 18.78 16.99
CA ILE A 76 -9.82 19.98 16.42
C ILE A 76 -8.29 20.04 16.44
N THR A 77 -7.74 20.44 15.30
CA THR A 77 -6.31 20.65 15.12
C THR A 77 -6.05 22.00 14.45
N SER A 78 -4.86 22.53 14.73
CA SER A 78 -4.41 23.79 14.16
C SER A 78 -2.94 23.65 13.82
N ASP A 79 -2.63 23.74 12.54
CA ASP A 79 -1.23 23.70 12.10
C ASP A 79 -1.01 24.63 10.91
N ILE A 80 -0.89 24.07 9.71
CA ILE A 80 -0.76 24.92 8.54
C ILE A 80 -2.16 25.42 8.19
N ASP A 81 -3.17 24.70 8.67
CA ASP A 81 -4.54 25.17 8.62
C ASP A 81 -5.31 24.69 9.86
N ALA A 82 -6.57 25.08 10.00
CA ALA A 82 -7.36 24.59 11.12
C ALA A 82 -8.44 23.64 10.65
N ARG A 83 -8.55 22.50 11.31
CA ARG A 83 -9.51 21.50 10.87
C ARG A 83 -10.23 20.93 12.08
N ILE A 84 -11.50 20.64 11.88
CA ILE A 84 -12.23 19.78 12.79
C ILE A 84 -12.59 18.52 12.02
N ARG A 85 -12.32 17.37 12.64
CA ARG A 85 -12.52 16.11 11.96
C ARG A 85 -13.37 15.13 12.74
N PHE A 86 -14.08 14.32 11.98
CA PHE A 86 -14.96 13.30 12.47
C PHE A 86 -14.56 12.03 11.76
N GLU A 87 -14.06 11.05 12.52
CA GLU A 87 -13.50 9.85 11.93
C GLU A 87 -14.04 8.58 12.61
N SER A 88 -14.45 8.71 13.87
CA SER A 88 -15.04 7.58 14.60
C SER A 88 -16.50 7.35 14.17
N LEU A 89 -16.99 6.13 14.30
CA LEU A 89 -18.36 5.86 13.86
C LEU A 89 -19.42 6.68 14.63
N LYS A 90 -19.22 6.85 15.93
CA LYS A 90 -20.12 7.65 16.76
C LYS A 90 -20.22 9.14 16.39
N GLU A 91 -19.07 9.75 16.13
CA GLU A 91 -19.02 11.16 15.77
C GLU A 91 -19.66 11.34 14.41
N LEU A 92 -19.37 10.44 13.46
CA LEU A 92 -19.98 10.61 12.15
C LEU A 92 -21.47 10.40 12.31
N GLU A 93 -21.89 9.57 13.26
CA GLU A 93 -23.32 9.43 13.48
C GLU A 93 -23.87 10.79 13.89
N VAL A 94 -23.14 11.52 14.73
CA VAL A 94 -23.56 12.89 15.11
C VAL A 94 -23.64 13.81 13.89
N VAL A 95 -22.66 13.68 12.99
CA VAL A 95 -22.62 14.45 11.76
C VAL A 95 -23.84 14.14 10.91
N ILE A 96 -24.14 12.86 10.73
CA ILE A 96 -25.28 12.42 9.94
C ILE A 96 -26.59 12.91 10.55
N ASN A 97 -26.70 12.85 11.88
CA ASN A 97 -27.92 13.33 12.52
C ASN A 97 -28.08 14.81 12.20
N HIS A 98 -26.97 15.54 12.22
CA HIS A 98 -27.01 16.95 11.89
C HIS A 98 -27.43 17.24 10.45
N PHE A 99 -26.77 16.61 9.48
CA PHE A 99 -27.07 16.96 8.10
C PHE A 99 -28.40 16.37 7.65
N ASP A 100 -28.85 15.32 8.32
CA ASP A 100 -30.21 14.80 8.11
C ASP A 100 -31.27 15.75 8.66
N LYS A 101 -30.94 16.43 9.76
CA LYS A 101 -31.90 17.32 10.39
C LYS A 101 -31.86 18.70 9.76
N TYR A 102 -30.65 19.14 9.41
CA TYR A 102 -30.39 20.44 8.83
C TYR A 102 -29.64 20.25 7.50
N PRO A 103 -30.34 19.84 6.43
CA PRO A 103 -29.68 19.33 5.22
C PRO A 103 -28.89 20.32 4.36
N LEU A 104 -27.78 19.82 3.82
CA LEU A 104 -26.98 20.51 2.80
C LEU A 104 -27.80 20.79 1.55
N ILE A 105 -27.44 21.86 0.83
CA ILE A 105 -28.17 22.19 -0.38
C ILE A 105 -27.32 22.45 -1.64
N THR A 106 -25.99 22.45 -1.51
CA THR A 106 -25.14 22.44 -2.70
C THR A 106 -24.94 21.05 -3.30
N GLN A 107 -24.16 20.97 -4.38
CA GLN A 107 -23.86 19.68 -5.00
C GLN A 107 -23.11 18.71 -4.07
N LYS A 108 -22.52 19.25 -3.01
CA LYS A 108 -21.85 18.44 -2.00
C LYS A 108 -22.79 17.50 -1.26
N ARG A 109 -24.08 17.82 -1.32
CA ARG A 109 -25.13 16.94 -0.81
C ARG A 109 -25.05 15.56 -1.45
N ALA A 110 -24.69 15.53 -2.73
CA ALA A 110 -24.62 14.26 -3.43
C ALA A 110 -23.45 13.47 -2.87
N ASP A 111 -22.35 14.18 -2.56
CA ASP A 111 -21.22 13.50 -1.95
C ASP A 111 -21.63 12.95 -0.61
N TYR A 112 -22.44 13.73 0.10
CA TYR A 112 -22.89 13.32 1.41
C TYR A 112 -23.66 12.03 1.30
N LEU A 113 -24.47 11.94 0.25
CA LEU A 113 -25.33 10.80 0.16
C LEU A 113 -24.53 9.54 -0.11
N LEU A 114 -23.48 9.67 -0.93
CA LEU A 114 -22.62 8.52 -1.16
C LEU A 114 -21.94 8.10 0.12
N PHE A 115 -21.40 9.09 0.81
CA PHE A 115 -20.74 8.84 2.08
C PHE A 115 -21.68 8.15 3.02
N LYS A 116 -22.92 8.60 3.03
CA LYS A 116 -23.79 8.04 4.01
C LYS A 116 -24.10 6.58 3.73
N LYS A 117 -24.28 6.23 2.46
CA LYS A 117 -24.54 4.82 2.18
C LYS A 117 -23.36 3.95 2.57
N ALA A 118 -22.17 4.44 2.27
CA ALA A 118 -20.96 3.69 2.56
C ALA A 118 -20.78 3.54 4.04
N PHE A 119 -21.06 4.62 4.75
CA PHE A 119 -20.92 4.64 6.19
C PHE A 119 -21.75 3.54 6.81
N TYR A 120 -22.95 3.39 6.29
CA TYR A 120 -23.88 2.44 6.84
C TYR A 120 -23.33 1.02 6.60
N LEU A 121 -22.83 0.78 5.38
CA LEU A 121 -22.19 -0.49 5.00
C LEU A 121 -21.07 -0.78 6.00
N ILE A 122 -20.33 0.26 6.35
CA ILE A 122 -19.21 0.14 7.27
C ILE A 122 -19.76 -0.17 8.66
N LYS A 123 -20.83 0.53 9.08
CA LYS A 123 -21.44 0.29 10.39
C LYS A 123 -21.83 -1.19 10.57
N ASN A 124 -22.30 -1.83 9.50
CA ASN A 124 -22.75 -3.22 9.57
C ASN A 124 -21.59 -4.19 9.28
N LYS A 125 -20.40 -3.63 9.13
CA LYS A 125 -19.18 -4.43 8.98
C LYS A 125 -19.22 -5.22 7.67
N GLU A 126 -20.08 -4.78 6.77
CA GLU A 126 -20.21 -5.34 5.44
C GLU A 126 -18.98 -4.99 4.61
N HIS A 127 -18.20 -4.03 5.08
CA HIS A 127 -16.97 -3.63 4.40
C HIS A 127 -15.84 -4.67 4.48
N LEU A 128 -15.99 -5.69 5.32
CA LEU A 128 -14.98 -6.72 5.50
C LEU A 128 -15.17 -7.89 4.52
N THR A 129 -16.06 -7.70 3.54
CA THR A 129 -16.30 -8.72 2.52
C THR A 129 -15.85 -8.22 1.15
N GLU A 130 -15.54 -9.15 0.23
CA GLU A 130 -15.26 -8.75 -1.15
C GLU A 130 -16.46 -8.05 -1.76
N GLU A 131 -17.65 -8.56 -1.46
CA GLU A 131 -18.87 -8.00 -2.02
C GLU A 131 -19.07 -6.60 -1.49
N GLY A 132 -18.98 -6.50 -0.16
CA GLY A 132 -19.17 -5.24 0.52
C GLY A 132 -18.08 -4.24 0.19
N LEU A 133 -16.84 -4.75 0.07
CA LEU A 133 -15.75 -3.89 -0.28
C LEU A 133 -16.02 -3.29 -1.65
N ASN A 134 -16.39 -4.16 -2.58
CA ASN A 134 -16.72 -3.72 -3.94
C ASN A 134 -17.87 -2.73 -4.00
N GLN A 135 -18.89 -2.88 -3.17
CA GLN A 135 -20.01 -1.95 -3.25
C GLN A 135 -19.50 -0.60 -2.76
N ILE A 136 -18.67 -0.64 -1.72
CA ILE A 136 -18.07 0.58 -1.20
C ILE A 136 -17.25 1.25 -2.29
N LEU A 137 -16.48 0.47 -3.06
CA LEU A 137 -15.71 1.02 -4.18
C LEU A 137 -16.64 1.64 -5.20
N THR A 138 -17.83 1.07 -5.41
CA THR A 138 -18.77 1.73 -6.31
C THR A 138 -19.19 3.10 -5.76
N LEU A 139 -19.32 3.23 -4.43
CA LEU A 139 -19.66 4.54 -3.87
C LEU A 139 -18.49 5.52 -4.01
N LYS A 140 -17.29 5.07 -3.65
CA LYS A 140 -16.10 5.91 -3.75
C LYS A 140 -15.83 6.36 -5.19
N ALA A 141 -16.18 5.52 -6.18
CA ALA A 141 -15.89 5.86 -7.57
C ALA A 141 -16.56 7.15 -8.04
N SER A 142 -17.73 7.46 -7.49
CA SER A 142 -18.49 8.65 -7.90
C SER A 142 -18.33 9.77 -6.85
N LEU A 143 -17.58 9.47 -5.78
CA LEU A 143 -17.40 10.43 -4.68
C LEU A 143 -16.16 11.27 -4.94
N ASN A 144 -16.38 12.59 -4.91
CA ASN A 144 -15.33 13.59 -5.17
C ASN A 144 -14.57 13.24 -6.43
N LEU A 145 -13.27 12.99 -6.27
CA LEU A 145 -12.38 12.83 -7.39
C LEU A 145 -12.44 11.39 -7.90
N GLY A 146 -13.25 10.56 -7.24
CA GLY A 146 -13.43 9.20 -7.72
C GLY A 146 -12.27 8.30 -7.39
N LEU A 147 -12.14 7.21 -8.13
CA LEU A 147 -11.12 6.23 -7.81
C LEU A 147 -9.84 6.76 -8.41
N SER A 148 -8.78 6.66 -7.62
CA SER A 148 -7.42 6.93 -8.06
C SER A 148 -6.91 5.94 -9.08
N GLU A 149 -5.82 6.33 -9.74
CA GLU A 149 -5.15 5.46 -10.68
C GLU A 149 -4.76 4.15 -10.00
N GLU A 150 -4.22 4.24 -8.78
CA GLU A 150 -3.86 3.03 -8.04
C GLU A 150 -5.04 2.11 -7.81
N LEU A 151 -6.17 2.69 -7.39
CA LEU A 151 -7.36 1.88 -7.14
C LEU A 151 -7.98 1.37 -8.44
N LYS A 152 -7.97 2.18 -9.50
CA LYS A 152 -8.43 1.65 -10.79
C LYS A 152 -7.59 0.47 -11.25
N GLU A 153 -6.28 0.58 -11.09
CA GLU A 153 -5.39 -0.50 -11.50
C GLU A 153 -5.58 -1.77 -10.69
N ALA A 154 -5.81 -1.65 -9.39
CA ALA A 154 -5.94 -2.88 -8.62
C ALA A 154 -7.32 -3.51 -8.76
N PHE A 155 -8.34 -2.68 -9.00
CA PHE A 155 -9.72 -3.18 -9.12
C PHE A 155 -10.53 -2.69 -10.35
N PRO A 156 -10.14 -3.08 -11.56
CA PRO A 156 -10.73 -2.61 -12.84
C PRO A 156 -12.24 -3.00 -13.05
N ASN A 157 -12.78 -2.57 -14.20
CA ASN A 157 -14.19 -2.78 -14.63
C ASN A 157 -15.30 -2.43 -13.62
N THR A 158 -14.96 -1.54 -12.70
CA THR A 158 -15.83 -1.04 -11.64
C THR A 158 -16.89 -0.10 -12.12
N ILE A 159 -18.17 -0.40 -11.88
CA ILE A 159 -19.14 0.62 -12.26
C ILE A 159 -19.60 1.47 -11.08
N PRO A 160 -19.31 2.79 -11.18
CA PRO A 160 -19.53 3.82 -10.17
C PRO A 160 -21.00 3.98 -9.81
N ALA A 161 -21.36 4.05 -8.53
CA ALA A 161 -22.75 4.23 -8.17
C ALA A 161 -23.32 5.53 -8.74
N GLU A 162 -24.62 5.59 -8.98
CA GLU A 162 -25.26 6.78 -9.50
C GLU A 162 -25.23 7.93 -8.48
N ARG A 163 -24.91 9.16 -8.88
CA ARG A 163 -24.91 10.25 -7.90
C ARG A 163 -26.08 11.18 -8.20
N LEU A 164 -26.87 11.44 -7.15
CA LEU A 164 -28.02 12.35 -7.22
C LEU A 164 -27.64 13.77 -7.63
N LEU A 165 -28.28 14.27 -8.68
CA LEU A 165 -28.19 15.70 -8.95
C LEU A 165 -29.18 16.46 -8.09
N VAL A 166 -28.67 17.31 -7.21
CA VAL A 166 -29.53 18.00 -6.26
C VAL A 166 -30.10 19.24 -6.91
N THR A 167 -31.43 19.32 -6.96
CA THR A 167 -32.10 20.40 -7.67
C THR A 167 -33.43 20.72 -7.00
N GLN A 169 -32.90 23.83 -5.64
CA GLN A 169 -33.12 23.99 -4.20
C GLN A 169 -32.97 25.43 -3.69
N GLU A 170 -33.99 25.80 -2.93
CA GLU A 170 -34.17 27.09 -2.27
C GLU A 170 -33.52 27.20 -0.90
N ILE A 171 -33.15 28.43 -0.59
CA ILE A 171 -32.66 28.80 0.72
C ILE A 171 -33.52 28.68 1.96
N PRO A 172 -33.06 27.76 2.83
CA PRO A 172 -33.75 27.28 4.02
C PRO A 172 -33.73 28.25 5.20
N ASP A 173 -32.76 29.16 5.28
CA ASP A 173 -32.60 29.99 6.47
C ASP A 173 -31.52 31.06 6.26
N SER A 174 -31.69 32.24 6.86
CA SER A 174 -30.71 33.32 6.72
C SER A 174 -29.31 32.94 7.21
N ASN A 175 -29.27 32.11 8.25
CA ASN A 175 -28.00 31.69 8.79
C ASN A 175 -27.26 30.75 7.86
N TRP A 176 -28.00 30.04 7.01
CA TRP A 176 -27.34 29.24 5.99
C TRP A 176 -26.51 30.10 5.04
N VAL A 177 -27.11 31.20 4.58
CA VAL A 177 -26.45 32.14 3.67
C VAL A 177 -25.25 32.72 4.37
N ALA A 178 -25.43 33.04 5.65
CA ALA A 178 -24.32 33.58 6.41
C ALA A 178 -23.16 32.59 6.47
N GLY A 179 -23.42 31.31 6.69
CA GLY A 179 -22.32 30.37 6.72
C GLY A 179 -21.64 30.18 5.37
N PHE A 180 -22.45 30.01 4.31
CA PHE A 180 -21.89 29.86 2.96
C PHE A 180 -21.07 31.06 2.51
N THR A 181 -21.55 32.27 2.78
CA THR A 181 -20.84 33.44 2.33
C THR A 181 -19.60 33.55 3.20
N ALA A 182 -19.70 33.10 4.45
CA ALA A 182 -18.53 33.13 5.30
C ALA A 182 -17.44 32.20 4.75
N GLY A 183 -17.81 31.13 4.03
CA GLY A 183 -16.77 30.32 3.41
C GLY A 183 -16.29 30.76 2.03
N GLU A 184 -17.25 30.89 1.10
CA GLU A 184 -17.04 31.09 -0.34
C GLU A 184 -17.35 32.51 -0.84
N GLY A 185 -17.85 33.39 0.03
CA GLY A 185 -18.33 34.68 -0.42
C GLY A 185 -17.16 35.63 -0.54
N SER A 186 -17.34 36.74 -1.26
CA SER A 186 -16.30 37.76 -1.37
C SER A 186 -16.77 39.21 -1.41
N PHE A 187 -16.14 40.04 -0.59
CA PHE A 187 -16.35 41.48 -0.57
C PHE A 187 -15.09 42.22 -1.03
N TYR A 188 -15.08 42.75 -2.25
CA TYR A 188 -13.87 43.42 -2.70
C TYR A 188 -14.18 44.74 -3.36
N ILE A 189 -13.15 45.58 -3.42
CA ILE A 189 -13.24 46.89 -4.05
C ILE A 189 -12.56 46.86 -5.41
N ARG A 190 -13.34 47.16 -6.44
CA ARG A 190 -12.84 47.17 -7.81
C ARG A 190 -12.44 48.58 -8.23
N ILE A 191 -11.19 48.70 -8.68
CA ILE A 191 -10.68 49.96 -9.20
C ILE A 191 -10.31 49.81 -10.66
N ALA A 192 -10.93 50.61 -11.52
CA ALA A 192 -10.65 50.47 -12.95
C ALA A 192 -10.01 51.70 -13.54
N LYS A 193 -8.88 51.53 -14.22
CA LYS A 193 -8.28 52.66 -14.92
C LYS A 193 -9.25 53.07 -16.02
N ASN A 194 -9.63 54.33 -16.03
CA ASN A 194 -10.66 54.77 -16.95
C ASN A 194 -10.54 56.27 -17.11
N SER A 195 -10.06 56.70 -18.27
CA SER A 195 -9.75 58.10 -18.50
C SER A 195 -10.98 59.01 -18.53
N THR A 196 -12.16 58.44 -18.80
CA THR A 196 -13.37 59.25 -18.86
C THR A 196 -13.85 59.67 -17.47
N LEU A 197 -13.14 59.23 -16.44
CA LEU A 197 -13.37 59.65 -15.06
C LEU A 197 -12.31 60.65 -14.58
N LYS A 198 -12.71 61.58 -13.72
CA LYS A 198 -11.83 62.66 -13.26
C LYS A 198 -10.55 62.18 -12.59
N THR A 199 -10.67 61.18 -11.72
CA THR A 199 -9.52 60.64 -11.00
C THR A 199 -8.65 59.71 -11.85
N GLY A 200 -9.19 59.29 -12.98
CA GLY A 200 -8.54 58.34 -13.85
C GLY A 200 -8.94 56.92 -13.47
N TYR A 201 -9.79 56.80 -12.44
CA TYR A 201 -10.25 55.50 -11.96
C TYR A 201 -11.70 55.50 -11.49
N GLN A 202 -12.43 54.47 -11.89
CA GLN A 202 -13.71 54.12 -11.30
C GLN A 202 -13.52 53.30 -10.02
N VAL A 203 -14.37 53.56 -9.03
CA VAL A 203 -14.41 52.81 -7.79
C VAL A 203 -15.76 52.11 -7.69
N GLN A 204 -15.72 50.81 -7.45
CA GLN A 204 -16.94 50.02 -7.39
C GLN A 204 -16.86 49.14 -6.15
N SER A 205 -17.95 49.03 -5.41
CA SER A 205 -18.01 48.06 -4.33
C SER A 205 -18.62 46.79 -4.89
N VAL A 206 -17.98 45.64 -4.64
CA VAL A 206 -18.42 44.40 -5.25
C VAL A 206 -18.67 43.28 -4.23
N PHE A 207 -19.83 42.62 -4.38
CA PHE A 207 -20.09 41.39 -3.64
C PHE A 207 -20.16 40.24 -4.62
N GLN A 208 -19.59 39.10 -4.27
CA GLN A 208 -19.47 38.04 -5.26
C GLN A 208 -19.57 36.66 -4.63
N ILE A 209 -20.17 35.71 -5.34
CA ILE A 209 -20.08 34.32 -4.94
C ILE A 209 -19.71 33.48 -6.15
N THR A 210 -18.75 32.57 -6.01
CA THR A 210 -18.30 31.81 -7.16
C THR A 210 -18.66 30.36 -6.90
N GLN A 211 -19.12 29.65 -7.93
CA GLN A 211 -19.46 28.24 -7.78
C GLN A 211 -19.49 27.56 -9.14
N ASP A 212 -19.13 26.28 -9.18
CA ASP A 212 -19.18 25.52 -10.41
C ASP A 212 -20.64 25.56 -10.86
N THR A 213 -20.83 25.47 -12.17
CA THR A 213 -22.10 25.65 -12.82
C THR A 213 -23.18 24.60 -12.47
N ARG A 214 -22.75 23.52 -11.83
CA ARG A 214 -23.63 22.44 -11.39
C ARG A 214 -24.75 22.89 -10.46
N ASP A 215 -24.57 24.04 -9.84
CA ASP A 215 -25.53 24.62 -8.91
C ASP A 215 -26.05 25.96 -9.36
N ILE A 216 -26.24 26.16 -10.67
CA ILE A 216 -26.70 27.48 -11.09
C ILE A 216 -28.07 27.76 -10.49
N GLU A 217 -28.85 26.71 -10.28
CA GLU A 217 -30.17 26.89 -9.71
C GLU A 217 -30.06 27.46 -8.31
N LEU A 218 -29.13 26.90 -7.55
CA LEU A 218 -28.92 27.40 -6.21
C LEU A 218 -28.53 28.87 -6.26
N MET A 219 -27.64 29.23 -7.17
CA MET A 219 -27.23 30.63 -7.22
C MET A 219 -28.38 31.54 -7.50
N LYS A 220 -29.21 31.10 -8.43
CA LYS A 220 -30.37 31.87 -8.77
C LYS A 220 -31.41 32.00 -7.67
N ASN A 221 -31.62 30.98 -6.85
CA ASN A 221 -32.57 31.21 -5.77
C ASN A 221 -31.98 32.24 -4.80
N LEU A 222 -30.65 32.24 -4.64
CA LEU A 222 -30.04 33.23 -3.77
C LEU A 222 -30.14 34.60 -4.31
N ILE A 223 -30.09 34.69 -5.63
CA ILE A 223 -30.23 35.99 -6.23
C ILE A 223 -31.61 36.47 -5.89
N SER A 224 -32.56 35.56 -6.07
CA SER A 224 -33.94 35.79 -5.75
C SER A 224 -34.10 36.05 -4.28
N TYR A 225 -33.32 35.34 -3.47
CA TYR A 225 -33.48 35.42 -2.03
C TYR A 225 -33.02 36.81 -1.60
N LEU A 226 -31.93 37.30 -2.21
CA LEU A 226 -31.41 38.63 -1.86
C LEU A 226 -32.00 39.80 -2.65
N ASN A 227 -32.73 39.48 -3.72
CA ASN A 227 -33.40 40.47 -4.58
C ASN A 227 -32.42 41.35 -5.35
N CYS A 228 -31.23 40.81 -5.62
CA CYS A 228 -30.24 41.53 -6.42
C CYS A 228 -29.13 40.62 -6.96
N GLY A 229 -28.30 41.20 -7.82
CA GLY A 229 -27.12 40.58 -8.41
C GLY A 229 -27.33 40.08 -9.83
N ASN A 230 -26.22 39.96 -10.57
CA ASN A 230 -26.24 39.37 -11.90
C ASN A 230 -25.34 38.14 -12.04
N ILE A 231 -25.65 37.25 -12.96
CA ILE A 231 -24.80 36.11 -13.26
C ILE A 231 -23.74 36.37 -14.34
N ARG A 232 -22.49 36.04 -14.05
CA ARG A 232 -21.42 36.15 -15.03
C ARG A 232 -20.86 34.74 -15.20
N ILE A 233 -20.85 34.23 -16.43
CA ILE A 233 -20.32 32.90 -16.70
C ILE A 233 -18.95 32.94 -17.36
N ARG A 234 -17.96 32.27 -16.75
CA ARG A 234 -16.66 32.12 -17.40
C ARG A 234 -16.37 30.64 -17.68
N THR A 245 -16.75 24.55 -16.07
CA THR A 245 -16.91 25.99 -16.26
C THR A 245 -17.33 26.62 -14.93
N CYS A 246 -16.98 27.88 -14.70
CA CYS A 246 -17.48 28.56 -13.50
C CYS A 246 -18.56 29.63 -13.65
N VAL A 247 -19.32 29.79 -12.56
CA VAL A 247 -20.31 30.85 -12.43
C VAL A 247 -19.99 31.84 -11.31
N ASP A 248 -20.22 33.14 -11.59
CA ASP A 248 -20.16 34.17 -10.57
C ASP A 248 -21.53 34.81 -10.32
N LEU A 249 -21.93 34.93 -9.07
CA LEU A 249 -22.99 35.85 -8.67
C LEU A 249 -22.30 37.18 -8.38
N VAL A 250 -22.64 38.25 -9.10
CA VAL A 250 -21.96 39.53 -8.89
C VAL A 250 -22.93 40.67 -8.59
N VAL A 251 -22.75 41.33 -7.45
CA VAL A 251 -23.49 42.52 -7.12
C VAL A 251 -22.60 43.76 -7.16
N THR A 252 -22.92 44.67 -8.08
CA THR A 252 -22.14 45.90 -8.27
C THR A 252 -22.99 47.15 -8.04
N ASN A 253 -24.30 47.00 -8.16
CA ASN A 253 -25.23 48.12 -7.95
C ASN A 253 -25.14 48.69 -6.56
N LEU A 254 -24.88 49.99 -6.48
CA LEU A 254 -24.62 50.61 -5.19
C LEU A 254 -25.77 50.59 -4.19
N ASN A 255 -27.00 50.92 -4.58
CA ASN A 255 -28.05 50.78 -3.58
C ASN A 255 -28.83 49.47 -3.57
N ASP A 256 -28.40 48.50 -4.39
CA ASP A 256 -28.74 47.12 -4.11
C ASP A 256 -27.82 46.69 -3.00
N ILE A 257 -26.58 47.15 -3.07
CA ILE A 257 -25.61 46.85 -2.02
C ILE A 257 -26.02 47.51 -0.70
N LYS A 258 -26.37 48.80 -0.76
CA LYS A 258 -26.76 49.59 0.41
C LYS A 258 -28.08 49.18 1.05
N GLU A 259 -29.11 48.90 0.24
CA GLU A 259 -30.43 48.72 0.83
C GLU A 259 -30.84 47.26 0.90
N LYS A 260 -30.02 46.38 0.34
CA LYS A 260 -30.35 44.95 0.39
C LYS A 260 -29.27 44.08 1.01
N ILE A 261 -28.07 44.02 0.43
CA ILE A 261 -27.01 43.15 0.95
C ILE A 261 -26.48 43.43 2.38
N ILE A 262 -26.07 44.67 2.65
CA ILE A 262 -25.53 45.01 3.98
C ILE A 262 -26.57 44.86 5.10
N PRO A 263 -27.84 45.31 4.92
CA PRO A 263 -28.78 45.06 6.02
C PRO A 263 -28.93 43.56 6.28
N PHE A 264 -28.90 42.79 5.20
CA PHE A 264 -29.03 41.35 5.29
C PHE A 264 -27.93 40.79 6.14
N PHE A 265 -26.68 41.16 5.87
CA PHE A 265 -25.63 40.50 6.64
C PHE A 265 -25.48 41.21 7.98
N ASN A 266 -26.21 42.31 8.15
CA ASN A 266 -26.26 43.01 9.43
C ASN A 266 -27.17 42.32 10.44
N LYS A 267 -28.27 41.70 10.01
CA LYS A 267 -29.07 41.02 11.04
C LYS A 267 -28.59 39.57 11.24
N ASN A 268 -28.22 38.93 10.13
CA ASN A 268 -27.68 37.56 10.12
C ASN A 268 -26.20 37.62 9.75
N HIS A 269 -25.35 37.56 10.78
CA HIS A 269 -23.95 37.96 10.75
C HIS A 269 -23.08 37.01 9.96
N ILE A 270 -22.19 37.60 9.17
CA ILE A 270 -21.12 36.85 8.53
C ILE A 270 -20.25 36.41 9.72
N ILE A 271 -19.70 35.19 9.69
CA ILE A 271 -18.78 34.74 10.75
C ILE A 271 -17.32 34.54 10.27
N GLY A 272 -16.38 34.50 11.21
CA GLY A 272 -14.99 34.23 10.89
C GLY A 272 -14.21 35.45 10.45
N VAL A 273 -12.94 35.27 10.09
CA VAL A 273 -12.10 36.38 9.66
C VAL A 273 -12.64 37.25 8.51
N LYS A 274 -13.44 36.67 7.63
CA LYS A 274 -14.00 37.40 6.50
C LYS A 274 -14.87 38.63 6.86
N LEU A 275 -15.36 38.70 8.10
CA LEU A 275 -16.14 39.88 8.54
C LEU A 275 -15.33 41.11 8.53
N GLN A 276 -14.06 40.95 8.86
CA GLN A 276 -13.25 42.14 8.91
C GLN A 276 -13.16 42.69 7.50
N ASP A 277 -13.08 41.83 6.50
CA ASP A 277 -13.05 42.32 5.13
C ASP A 277 -14.38 42.99 4.82
N TYR A 278 -15.45 42.36 5.31
CA TYR A 278 -16.79 42.91 5.14
C TYR A 278 -16.85 44.32 5.73
N ARG A 279 -16.33 44.49 6.94
CA ARG A 279 -16.37 45.83 7.53
C ARG A 279 -15.59 46.83 6.68
N ASP A 280 -14.40 46.46 6.23
CA ASP A 280 -13.64 47.35 5.37
C ASP A 280 -14.45 47.64 4.11
N TRP A 281 -15.10 46.61 3.58
CA TRP A 281 -15.93 46.76 2.41
C TRP A 281 -17.03 47.79 2.67
N CYS A 282 -17.65 47.71 3.85
CA CYS A 282 -18.64 48.69 4.25
C CYS A 282 -18.09 50.10 4.25
N LYS A 283 -16.86 50.23 4.74
CA LYS A 283 -16.28 51.55 4.84
C LYS A 283 -16.15 52.13 3.45
N VAL A 284 -15.70 51.32 2.49
CA VAL A 284 -15.57 51.86 1.15
C VAL A 284 -16.94 52.18 0.59
N VAL A 285 -17.93 51.35 0.89
CA VAL A 285 -19.27 51.65 0.42
C VAL A 285 -19.74 52.98 0.96
N THR A 286 -19.42 53.24 2.24
CA THR A 286 -19.76 54.52 2.82
C THR A 286 -19.10 55.65 2.05
N LEU A 287 -17.80 55.50 1.79
CA LEU A 287 -17.10 56.53 1.04
C LEU A 287 -17.72 56.77 -0.33
N ILE A 288 -18.13 55.72 -1.04
CA ILE A 288 -18.78 55.90 -2.35
C ILE A 288 -20.14 56.57 -2.13
N ASP A 289 -20.88 56.08 -1.13
CA ASP A 289 -22.21 56.60 -0.80
C ASP A 289 -22.24 58.11 -0.55
N ASN A 290 -21.15 58.69 -0.07
CA ASN A 290 -21.17 60.13 0.15
C ASN A 290 -20.59 60.80 -1.08
N LYS A 291 -20.53 60.02 -2.16
CA LYS A 291 -20.19 60.50 -3.49
C LYS A 291 -18.78 61.08 -3.60
N GLU A 292 -17.93 60.81 -2.62
CA GLU A 292 -16.57 61.38 -2.68
C GLU A 292 -15.50 60.34 -2.39
N HIS A 293 -15.29 59.64 -3.48
CA HIS A 293 -14.36 58.58 -3.83
C HIS A 293 -13.90 59.03 -5.21
N LEU A 294 -14.64 60.02 -5.70
CA LEU A 294 -14.51 60.67 -7.00
C LEU A 294 -13.56 61.86 -6.94
N THR A 295 -12.87 61.98 -5.82
CA THR A 295 -11.85 63.00 -5.64
C THR A 295 -10.56 62.22 -5.42
N SER A 296 -9.43 62.86 -5.76
CA SER A 296 -8.12 62.24 -5.60
C SER A 296 -7.80 61.81 -4.18
N GLU A 297 -8.04 62.68 -3.21
CA GLU A 297 -7.73 62.33 -1.83
C GLU A 297 -8.55 61.09 -1.44
N GLY A 298 -9.84 61.11 -1.74
CA GLY A 298 -10.69 59.98 -1.43
C GLY A 298 -10.34 58.69 -2.16
N LEU A 299 -10.00 58.80 -3.44
CA LEU A 299 -9.60 57.61 -4.20
C LEU A 299 -8.34 56.98 -3.63
N GLU A 300 -7.39 57.82 -3.24
CA GLU A 300 -6.20 57.34 -2.56
C GLU A 300 -6.52 56.64 -1.25
N LYS A 301 -7.41 57.27 -0.46
CA LYS A 301 -7.87 56.67 0.79
C LYS A 301 -8.41 55.26 0.58
N ILE A 302 -9.34 55.15 -0.36
CA ILE A 302 -9.98 53.87 -0.61
C ILE A 302 -8.95 52.89 -1.08
N GLN A 303 -8.08 53.29 -2.00
CA GLN A 303 -6.99 52.40 -2.41
C GLN A 303 -6.17 51.84 -1.24
N LYS A 304 -5.84 52.67 -0.25
CA LYS A 304 -5.06 52.18 0.88
C LYS A 304 -5.85 51.11 1.63
N ILE A 305 -7.14 51.38 1.84
CA ILE A 305 -7.95 50.38 2.52
C ILE A 305 -8.08 49.10 1.69
N LYS A 306 -8.39 49.21 0.41
CA LYS A 306 -8.50 48.01 -0.43
C LYS A 306 -7.22 47.18 -0.44
N GLU A 307 -6.07 47.84 -0.52
CA GLU A 307 -4.81 47.10 -0.57
C GLU A 307 -4.59 46.43 0.78
N GLY A 308 -5.28 46.90 1.81
CA GLY A 308 -5.06 46.25 3.10
C GLY A 308 -6.15 45.26 3.47
N MET A 309 -7.05 44.98 2.53
CA MET A 309 -8.16 44.06 2.75
C MET A 309 -7.86 42.74 2.01
N ASN A 310 -8.48 41.65 2.46
CA ASN A 310 -8.45 40.33 1.82
C ASN A 310 -7.02 39.83 1.59
N ARG A 311 -6.65 39.50 0.35
CA ARG A 311 -5.29 38.96 0.13
C ARG A 311 -4.13 39.89 0.42
N GLY A 312 -4.33 41.20 0.39
CA GLY A 312 -3.19 42.04 0.67
C GLY A 312 -2.97 42.18 2.16
N ARG A 313 -3.89 41.62 2.95
CA ARG A 313 -3.71 41.65 4.38
C ARG A 313 -2.63 40.65 4.74
N SER A 314 -1.69 41.04 5.59
CA SER A 314 -0.57 40.16 5.90
C SER A 314 -0.14 40.32 7.36
N ASN D 16 -5.25 -28.42 -11.48
CA ASN D 16 -4.43 -27.33 -10.98
C ASN D 16 -3.90 -27.59 -9.57
N ILE D 17 -2.61 -27.34 -9.38
CA ILE D 17 -1.93 -27.58 -8.11
C ILE D 17 -2.48 -26.61 -7.05
N SER D 18 -2.54 -27.04 -5.81
CA SER D 18 -3.03 -26.15 -4.76
C SER D 18 -1.93 -25.19 -4.34
N PRO D 19 -2.33 -23.97 -3.95
CA PRO D 19 -1.48 -22.84 -3.51
C PRO D 19 -0.63 -23.05 -2.24
N TRP D 20 -1.13 -23.80 -1.27
CA TRP D 20 -0.38 -24.07 -0.05
C TRP D 20 0.80 -24.99 -0.33
N THR D 21 0.63 -25.83 -1.34
CA THR D 21 1.74 -26.67 -1.79
C THR D 21 2.84 -25.75 -2.30
N ILE D 22 2.45 -24.71 -3.03
CA ILE D 22 3.38 -23.72 -3.54
C ILE D 22 4.10 -23.02 -2.39
N THR D 23 3.35 -22.58 -1.39
CA THR D 23 3.98 -21.89 -0.25
C THR D 23 4.96 -22.78 0.51
N GLY D 24 4.58 -24.04 0.75
CA GLY D 24 5.46 -24.99 1.41
C GLY D 24 6.75 -25.24 0.67
N PHE D 25 6.57 -25.36 -0.64
CA PHE D 25 7.66 -25.60 -1.55
C PHE D 25 8.59 -24.39 -1.54
N ALA D 26 8.01 -23.20 -1.43
CA ALA D 26 8.83 -22.00 -1.34
C ALA D 26 9.56 -21.95 -0.01
N ASP D 27 8.91 -22.44 1.04
CA ASP D 27 9.50 -22.45 2.36
C ASP D 27 10.79 -23.20 2.41
N GLY D 28 11.09 -24.01 1.43
CA GLY D 28 12.33 -24.73 1.52
C GLY D 28 13.24 -24.60 0.34
N GLU D 29 12.65 -24.42 -0.81
CA GLU D 29 13.43 -24.32 -2.02
C GLU D 29 13.48 -22.93 -2.67
N SER D 30 12.76 -21.96 -2.14
CA SER D 30 12.73 -20.61 -2.70
C SER D 30 13.75 -19.71 -2.09
N SER D 31 13.89 -18.54 -2.68
CA SER D 31 14.83 -17.53 -2.20
C SER D 31 14.44 -16.11 -2.52
N PHE D 32 14.56 -15.22 -1.56
CA PHE D 32 14.31 -13.79 -1.73
C PHE D 32 15.64 -13.03 -1.69
N MET D 33 15.90 -12.21 -2.70
CA MET D 33 17.22 -11.61 -2.85
C MET D 33 17.17 -10.13 -3.17
N LEU D 34 18.21 -9.41 -2.73
CA LEU D 34 18.39 -8.02 -3.11
C LEU D 34 19.80 -7.86 -3.64
N THR D 35 19.92 -7.46 -4.90
CA THR D 35 21.21 -7.20 -5.50
C THR D 35 21.49 -5.70 -5.46
N VAL D 36 22.64 -5.37 -4.89
CA VAL D 36 23.16 -4.00 -4.81
C VAL D 36 24.51 -3.96 -5.50
N SER D 37 24.53 -3.40 -6.71
CA SER D 37 25.70 -3.40 -7.58
C SER D 37 26.24 -2.00 -7.82
N LYS D 38 27.57 -1.86 -7.77
CA LYS D 38 28.20 -0.58 -8.08
C LYS D 38 27.85 -0.16 -9.49
N ASP D 39 27.44 1.10 -9.64
CA ASP D 39 27.00 1.61 -10.94
C ASP D 39 27.30 3.09 -11.05
N LYS D 41 27.09 5.43 -13.54
CA LYS D 41 26.13 5.94 -14.52
C LYS D 41 24.80 6.35 -13.86
N ARG D 42 24.75 6.32 -12.53
CA ARG D 42 23.55 6.70 -11.76
C ARG D 42 24.00 7.55 -10.57
N ASN D 43 23.12 8.43 -10.11
CA ASN D 43 23.45 9.36 -9.02
C ASN D 43 23.79 8.88 -7.61
N THR D 44 23.18 7.81 -7.10
CA THR D 44 23.61 7.38 -5.76
C THR D 44 24.85 6.53 -5.93
N GLY D 45 25.09 6.10 -7.16
CA GLY D 45 26.20 5.22 -7.49
C GLY D 45 25.92 3.74 -7.35
N TRP D 46 24.69 3.37 -6.99
CA TRP D 46 24.42 1.96 -6.79
C TRP D 46 23.09 1.59 -7.45
N SER D 47 23.03 0.37 -7.95
CA SER D 47 21.80 -0.19 -8.51
C SER D 47 21.26 -1.22 -7.54
N VAL D 48 19.98 -1.09 -7.23
CA VAL D 48 19.33 -2.01 -6.31
C VAL D 48 18.14 -2.64 -6.99
N ARG D 49 18.06 -3.95 -6.90
CA ARG D 49 16.94 -4.65 -7.51
C ARG D 49 16.60 -5.87 -6.69
N PRO D 50 15.31 -6.14 -6.59
CA PRO D 50 14.82 -7.31 -5.86
C PRO D 50 14.63 -8.48 -6.83
N ARG D 51 14.78 -9.69 -6.29
CA ARG D 51 14.58 -10.91 -7.05
C ARG D 51 13.92 -11.91 -6.14
N PHE D 52 13.01 -12.70 -6.72
CA PHE D 52 12.46 -13.89 -6.09
C PHE D 52 12.68 -15.07 -7.01
N ARG D 53 13.09 -16.21 -6.46
CA ARG D 53 13.48 -17.36 -7.29
C ARG D 53 13.11 -18.68 -6.65
N ILE D 54 12.77 -19.64 -7.48
CA ILE D 54 12.67 -21.01 -7.00
C ILE D 54 13.56 -21.84 -7.91
N GLY D 55 14.45 -22.63 -7.31
CA GLY D 55 15.34 -23.45 -8.11
C GLY D 55 15.41 -24.93 -7.80
N LEU D 56 15.31 -25.74 -8.85
CA LEU D 56 15.21 -27.20 -8.75
C LEU D 56 16.10 -27.82 -9.78
N HIS D 57 16.28 -29.12 -9.67
CA HIS D 57 16.90 -29.94 -10.70
C HIS D 57 16.11 -29.89 -12.02
N ASN D 58 16.83 -29.95 -13.13
CA ASN D 58 16.26 -29.99 -14.49
C ASN D 58 15.04 -30.89 -14.68
N LYS D 59 15.01 -32.01 -13.98
CA LYS D 59 13.95 -33.01 -14.10
C LYS D 59 12.53 -32.53 -13.72
N ASP D 60 12.43 -31.41 -13.02
CA ASP D 60 11.15 -30.93 -12.47
C ASP D 60 10.53 -29.65 -13.05
N VAL D 61 10.86 -29.33 -14.30
CA VAL D 61 10.22 -28.21 -15.00
C VAL D 61 8.69 -28.23 -14.93
N THR D 62 8.08 -29.41 -14.95
CA THR D 62 6.62 -29.45 -14.89
C THR D 62 6.05 -28.74 -13.68
N ILE D 63 6.74 -28.81 -12.55
CA ILE D 63 6.28 -28.11 -11.35
C ILE D 63 6.26 -26.63 -11.61
N LEU D 64 7.34 -26.16 -12.22
CA LEU D 64 7.45 -24.75 -12.50
C LEU D 64 6.34 -24.34 -13.45
N LYS D 65 6.04 -25.19 -14.42
CA LYS D 65 4.98 -24.84 -15.34
C LYS D 65 3.67 -24.73 -14.60
N SER D 66 3.48 -25.62 -13.65
CA SER D 66 2.25 -25.60 -12.89
C SER D 66 2.11 -24.32 -12.10
N ILE D 67 3.20 -23.88 -11.47
CA ILE D 67 3.16 -22.64 -10.71
C ILE D 67 2.86 -21.49 -11.65
N ARG D 68 3.55 -21.49 -12.78
CA ARG D 68 3.35 -20.46 -13.79
C ARG D 68 1.89 -20.46 -14.19
N GLU D 69 1.29 -21.63 -14.37
CA GLU D 69 -0.10 -21.65 -14.79
C GLU D 69 -0.98 -21.07 -13.68
N TYR D 70 -0.64 -21.37 -12.43
CA TYR D 70 -1.40 -20.81 -11.30
C TYR D 70 -1.35 -19.28 -11.14
N LEU D 71 -0.15 -18.70 -11.11
CA LEU D 71 -0.01 -17.29 -10.74
C LEU D 71 -0.19 -16.37 -11.93
N GLY D 72 -0.01 -16.91 -13.12
CA GLY D 72 -0.06 -16.12 -14.33
C GLY D 72 1.17 -15.24 -14.45
N ALA D 73 2.29 -15.71 -13.91
CA ALA D 73 3.51 -14.91 -13.88
C ALA D 73 4.75 -15.76 -13.60
N GLY D 74 5.91 -15.20 -13.93
CA GLY D 74 7.19 -15.86 -13.76
C GLY D 74 7.87 -16.22 -15.06
N ILE D 75 9.19 -16.10 -15.10
CA ILE D 75 9.94 -16.43 -16.30
C ILE D 75 10.78 -17.66 -15.96
N ILE D 76 10.58 -18.70 -16.75
CA ILE D 76 11.22 -20.00 -16.58
C ILE D 76 12.45 -20.31 -17.44
N THR D 77 13.47 -20.86 -16.79
CA THR D 77 14.68 -21.30 -17.48
C THR D 77 15.08 -22.71 -17.05
N SER D 78 15.77 -23.40 -17.95
CA SER D 78 16.27 -24.75 -17.72
C SER D 78 17.66 -24.85 -18.33
N ASP D 79 18.67 -25.07 -17.49
CA ASP D 79 20.03 -25.26 -18.00
C ASP D 79 20.78 -26.30 -17.18
N ILE D 80 21.69 -25.87 -16.32
CA ILE D 80 22.36 -26.83 -15.44
C ILE D 80 21.38 -27.14 -14.33
N ASP D 81 20.42 -26.23 -14.15
CA ASP D 81 19.27 -26.48 -13.29
C ASP D 81 18.04 -25.81 -13.86
N ALA D 82 16.90 -25.99 -13.21
CA ALA D 82 15.67 -25.32 -13.64
C ALA D 82 15.29 -24.28 -12.62
N ARG D 83 14.98 -23.07 -13.08
CA ARG D 83 14.67 -22.00 -12.16
C ARG D 83 13.46 -21.28 -12.70
N ILE D 84 12.59 -20.84 -11.80
CA ILE D 84 11.61 -19.83 -12.15
C ILE D 84 11.90 -18.56 -11.38
N ARG D 85 11.90 -17.45 -12.10
CA ARG D 85 12.28 -16.17 -11.52
C ARG D 85 11.24 -15.07 -11.71
N PHE D 86 11.25 -14.21 -10.71
CA PHE D 86 10.38 -13.05 -10.61
C PHE D 86 11.31 -11.86 -10.34
N GLU D 87 11.37 -10.93 -11.28
CA GLU D 87 12.33 -9.83 -11.22
C GLU D 87 11.69 -8.46 -11.49
N SER D 88 10.59 -8.44 -12.23
CA SER D 88 9.86 -7.19 -12.53
C SER D 88 9.00 -6.73 -11.35
N LEU D 89 8.72 -5.45 -11.25
CA LEU D 89 7.94 -4.97 -10.11
C LEU D 89 6.54 -5.60 -10.05
N LYS D 90 5.89 -5.77 -11.21
CA LYS D 90 4.59 -6.43 -11.29
C LYS D 90 4.56 -7.89 -10.83
N GLU D 91 5.58 -8.64 -11.25
CA GLU D 91 5.68 -10.05 -10.89
C GLU D 91 5.95 -10.20 -9.41
N LEU D 92 6.85 -9.37 -8.89
CA LEU D 92 7.11 -9.52 -7.48
C LEU D 92 5.87 -9.11 -6.72
N GLU D 93 5.11 -8.16 -7.26
CA GLU D 93 3.86 -7.79 -6.60
C GLU D 93 2.87 -8.99 -6.52
N VAL D 94 2.76 -9.78 -7.60
CA VAL D 94 1.90 -10.99 -7.57
C VAL D 94 2.43 -11.97 -6.50
N VAL D 95 3.76 -12.09 -6.43
CA VAL D 95 4.41 -12.94 -5.46
C VAL D 95 4.07 -12.48 -4.04
N ILE D 96 4.18 -11.19 -3.80
CA ILE D 96 3.88 -10.64 -2.49
C ILE D 96 2.41 -10.87 -2.11
N ASN D 97 1.50 -10.67 -3.06
CA ASN D 97 0.09 -10.90 -2.75
C ASN D 97 -0.15 -12.35 -2.35
N HIS D 98 0.52 -13.25 -3.07
CA HIS D 98 0.40 -14.67 -2.78
C HIS D 98 0.94 -15.02 -1.40
N PHE D 99 2.16 -14.60 -1.07
CA PHE D 99 2.72 -15.04 0.21
C PHE D 99 2.08 -14.29 1.37
N ASP D 100 1.51 -13.11 1.11
CA ASP D 100 0.70 -12.42 2.10
C ASP D 100 -0.63 -13.13 2.37
N LYS D 101 -1.18 -13.75 1.33
CA LYS D 101 -2.48 -14.42 1.46
C LYS D 101 -2.27 -15.84 1.95
N TYR D 102 -1.21 -16.47 1.47
CA TYR D 102 -0.87 -17.86 1.82
C TYR D 102 0.55 -17.87 2.37
N PRO D 103 0.73 -17.42 3.63
CA PRO D 103 2.06 -17.11 4.17
C PRO D 103 3.03 -18.26 4.46
N LEU D 104 4.31 -17.99 4.17
CA LEU D 104 5.41 -18.85 4.57
C LEU D 104 5.48 -19.01 6.08
N ILE D 105 6.01 -20.13 6.55
CA ILE D 105 6.10 -20.33 7.99
C ILE D 105 7.47 -20.76 8.55
N THR D 106 8.47 -21.00 7.70
CA THR D 106 9.83 -21.15 8.24
C THR D 106 10.49 -19.79 8.45
N GLN D 107 11.74 -19.77 8.92
CA GLN D 107 12.46 -18.53 9.12
C GLN D 107 12.66 -17.69 7.85
N LYS D 108 12.50 -18.30 6.69
CA LYS D 108 12.59 -17.60 5.42
C LYS D 108 11.51 -16.51 5.26
N ARG D 109 10.44 -16.60 6.04
CA ARG D 109 9.45 -15.52 6.08
C ARG D 109 10.08 -14.18 6.45
N ASP D 111 13.12 -13.47 6.19
CA ASP D 111 13.79 -12.92 5.01
C ASP D 111 12.83 -12.19 4.07
N TYR D 112 11.66 -12.78 3.93
CA TYR D 112 10.60 -12.27 3.06
C TYR D 112 10.18 -10.89 3.49
N LEU D 113 10.10 -10.70 4.80
CA LEU D 113 9.59 -9.46 5.32
C LEU D 113 10.57 -8.34 5.02
N LEU D 114 11.87 -8.64 5.11
CA LEU D 114 12.88 -7.65 4.75
C LEU D 114 12.71 -7.31 3.29
N PHE D 115 12.60 -8.36 2.50
CA PHE D 115 12.41 -8.21 1.08
C PHE D 115 11.22 -7.36 0.78
N LYS D 116 10.14 -7.59 1.51
CA LYS D 116 8.94 -6.87 1.13
C LYS D 116 9.09 -5.38 1.40
N LYS D 117 9.74 -5.03 2.50
CA LYS D 117 9.92 -3.61 2.74
C LYS D 117 10.77 -2.94 1.70
N ALA D 118 11.83 -3.63 1.28
CA ALA D 118 12.72 -3.03 0.30
C ALA D 118 12.01 -2.84 -1.02
N PHE D 119 11.23 -3.84 -1.37
CA PHE D 119 10.51 -3.80 -2.63
C PHE D 119 9.58 -2.62 -2.73
N TYR D 120 8.94 -2.31 -1.64
CA TYR D 120 7.96 -1.24 -1.61
C TYR D 120 8.68 0.10 -1.83
N LEU D 121 9.81 0.27 -1.14
CA LEU D 121 10.68 1.45 -1.29
C LEU D 121 11.03 1.54 -2.78
N ILE D 122 11.30 0.38 -3.37
CA ILE D 122 11.67 0.28 -4.76
C ILE D 122 10.42 0.62 -5.61
N LYS D 123 9.24 0.13 -5.24
CA LYS D 123 8.02 0.44 -6.01
C LYS D 123 7.80 1.95 -6.13
N ASN D 124 8.13 2.69 -5.07
CA ASN D 124 7.96 4.14 -5.01
C ASN D 124 9.19 4.93 -5.46
N LYS D 125 10.20 4.21 -5.95
CA LYS D 125 11.42 4.82 -6.51
C LYS D 125 12.27 5.58 -5.47
N GLU D 126 12.04 5.28 -4.20
CA GLU D 126 12.80 5.83 -3.07
C GLU D 126 14.23 5.31 -2.98
N HIS D 127 14.54 4.25 -3.71
CA HIS D 127 15.88 3.66 -3.75
C HIS D 127 16.92 4.53 -4.49
N LEU D 128 16.46 5.59 -5.16
CA LEU D 128 17.34 6.46 -5.94
C LEU D 128 17.89 7.60 -5.07
N THR D 129 17.70 7.50 -3.75
CA THR D 129 18.22 8.50 -2.82
C THR D 129 19.28 7.87 -1.93
N GLU D 130 20.19 8.68 -1.39
CA GLU D 130 21.15 8.16 -0.41
C GLU D 130 20.50 7.56 0.84
N GLU D 131 19.45 8.21 1.32
CA GLU D 131 18.78 7.75 2.53
C GLU D 131 18.14 6.40 2.26
N GLY D 132 17.40 6.35 1.15
CA GLY D 132 16.71 5.15 0.76
C GLY D 132 17.64 4.02 0.39
N LEU D 133 18.74 4.35 -0.29
CA LEU D 133 19.71 3.34 -0.64
C LEU D 133 20.26 2.71 0.62
N ASN D 134 20.65 3.57 1.56
CA ASN D 134 21.13 3.08 2.84
C ASN D 134 20.13 2.25 3.62
N GLN D 135 18.84 2.61 3.59
CA GLN D 135 17.86 1.86 4.36
C GLN D 135 17.71 0.47 3.74
N ILE D 136 17.72 0.46 2.41
CA ILE D 136 17.64 -0.80 1.68
C ILE D 136 18.81 -1.67 2.09
N LEU D 137 19.98 -1.05 2.19
CA LEU D 137 21.19 -1.73 2.64
C LEU D 137 21.01 -2.28 4.06
N THR D 138 20.29 -1.55 4.91
CA THR D 138 20.00 -2.07 6.25
C THR D 138 19.15 -3.33 6.13
N LEU D 139 18.26 -3.38 5.15
CA LEU D 139 17.45 -4.59 4.95
C LEU D 139 18.31 -5.74 4.43
N LYS D 140 19.14 -5.48 3.43
CA LYS D 140 20.03 -6.52 2.86
C LYS D 140 20.99 -7.06 3.91
N ALA D 141 21.43 -6.22 4.84
CA ALA D 141 22.40 -6.65 5.85
C ALA D 141 21.89 -7.81 6.69
N SER D 142 20.58 -7.87 6.90
CA SER D 142 19.98 -8.90 7.72
C SER D 142 19.31 -9.98 6.86
N LEU D 143 19.34 -9.81 5.54
CA LEU D 143 18.71 -10.73 4.60
C LEU D 143 19.72 -11.79 4.16
N ASN D 144 19.34 -13.05 4.32
CA ASN D 144 20.22 -14.18 3.98
C ASN D 144 21.62 -14.00 4.53
N LEU D 145 22.57 -13.91 3.61
CA LEU D 145 23.98 -13.91 3.96
C LEU D 145 24.47 -12.51 4.32
N GLY D 146 23.58 -11.53 4.24
CA GLY D 146 23.94 -10.19 4.65
C GLY D 146 24.79 -9.44 3.65
N LEU D 147 25.50 -8.42 4.11
CA LEU D 147 26.25 -7.58 3.20
C LEU D 147 27.57 -8.27 2.91
N SER D 148 27.93 -8.25 1.64
CA SER D 148 29.25 -8.69 1.18
C SER D 148 30.35 -7.78 1.69
N GLU D 149 31.58 -8.28 1.60
CA GLU D 149 32.77 -7.51 1.95
C GLU D 149 32.84 -6.20 1.19
N GLU D 150 32.54 -6.23 -0.12
CA GLU D 150 32.56 -5.00 -0.91
C GLU D 150 31.59 -3.96 -0.35
N LEU D 151 30.37 -4.39 -0.01
CA LEU D 151 29.36 -3.49 0.55
C LEU D 151 29.73 -3.07 1.97
N LYS D 152 30.33 -3.97 2.75
CA LYS D 152 30.83 -3.59 4.07
C LYS D 152 31.86 -2.48 3.92
N GLU D 153 32.72 -2.62 2.92
CA GLU D 153 33.75 -1.63 2.63
C GLU D 153 33.13 -0.30 2.22
N ALA D 154 32.06 -0.33 1.45
CA ALA D 154 31.49 0.93 0.99
C ALA D 154 30.63 1.57 2.08
N PHE D 155 30.06 0.76 2.96
CA PHE D 155 29.22 1.25 4.05
C PHE D 155 29.63 0.61 5.37
N PRO D 156 30.21 1.40 6.29
CA PRO D 156 30.75 0.92 7.57
C PRO D 156 29.82 1.42 8.67
N ASN D 157 30.02 1.10 9.95
CA ASN D 157 29.07 1.59 10.96
C ASN D 157 27.63 1.22 10.61
N THR D 158 27.48 0.14 9.85
CA THR D 158 26.20 -0.35 9.37
C THR D 158 25.27 -0.97 10.38
N ILE D 159 24.08 -0.39 10.52
CA ILE D 159 23.12 -1.03 11.38
C ILE D 159 22.06 -1.86 10.65
N PRO D 160 22.06 -3.17 10.92
CA PRO D 160 21.22 -4.19 10.29
C PRO D 160 19.74 -3.92 10.57
N ALA D 161 18.86 -4.00 9.57
CA ALA D 161 17.43 -3.76 9.82
C ALA D 161 16.90 -4.76 10.85
N GLU D 162 15.84 -4.41 11.57
CA GLU D 162 15.32 -5.34 12.57
C GLU D 162 14.79 -6.58 11.87
N ARG D 163 15.12 -7.74 12.44
CA ARG D 163 14.70 -9.01 11.88
C ARG D 163 13.67 -9.76 12.74
N GLN D 169 4.68 -21.26 15.26
CA GLN D 169 3.68 -21.19 14.21
C GLN D 169 3.27 -22.60 13.74
N GLU D 170 1.96 -22.79 13.66
CA GLU D 170 1.33 -24.04 13.24
C GLU D 170 1.16 -24.21 11.74
N ILE D 171 1.21 -25.49 11.38
CA ILE D 171 0.92 -25.96 10.04
C ILE D 171 -0.48 -25.71 9.57
N PRO D 172 -0.53 -24.85 8.55
CA PRO D 172 -1.77 -24.31 8.03
C PRO D 172 -2.56 -25.31 7.21
N ASP D 173 -1.90 -26.33 6.65
CA ASP D 173 -2.56 -27.24 5.70
C ASP D 173 -1.70 -28.42 5.27
N SER D 174 -2.34 -29.57 5.06
CA SER D 174 -1.65 -30.78 4.61
C SER D 174 -0.92 -30.62 3.27
N ASN D 175 -1.50 -29.82 2.37
CA ASN D 175 -0.86 -29.65 1.06
C ASN D 175 0.39 -28.80 1.16
N TRP D 176 0.45 -27.98 2.21
CA TRP D 176 1.66 -27.25 2.52
C TRP D 176 2.78 -28.24 2.82
N VAL D 177 2.44 -29.23 3.65
CA VAL D 177 3.34 -30.29 4.06
C VAL D 177 3.79 -31.06 2.84
N ALA D 178 2.85 -31.29 1.93
CA ALA D 178 3.19 -31.98 0.70
C ALA D 178 4.24 -31.19 -0.07
N GLY D 179 4.10 -29.88 -0.17
CA GLY D 179 5.10 -29.11 -0.90
C GLY D 179 6.46 -29.11 -0.20
N PHE D 180 6.44 -28.89 1.12
CA PHE D 180 7.67 -28.89 1.91
C PHE D 180 8.39 -30.22 1.84
N THR D 181 7.65 -31.32 1.89
CA THR D 181 8.29 -32.63 1.86
C THR D 181 8.79 -32.86 0.44
N ALA D 182 8.03 -32.40 -0.51
CA ALA D 182 8.43 -32.58 -1.87
C ALA D 182 9.72 -31.90 -2.17
N GLY D 183 10.33 -31.22 -1.21
CA GLY D 183 11.57 -30.53 -1.46
C GLY D 183 12.61 -30.82 -0.43
N GLU D 184 12.26 -30.70 0.82
CA GLU D 184 13.23 -30.94 1.85
C GLU D 184 13.07 -32.28 2.55
N GLY D 185 12.16 -33.11 2.07
CA GLY D 185 11.92 -34.40 2.66
C GLY D 185 12.67 -35.54 2.05
N SER D 186 12.74 -36.69 2.72
CA SER D 186 13.52 -37.80 2.21
C SER D 186 12.84 -39.12 2.57
N PHE D 187 12.69 -39.97 1.58
CA PHE D 187 12.18 -41.32 1.79
C PHE D 187 13.31 -42.30 1.47
N TYR D 188 13.94 -42.91 2.47
CA TYR D 188 15.03 -43.81 2.11
C TYR D 188 14.98 -45.14 2.85
N ILE D 189 15.66 -46.13 2.28
CA ILE D 189 15.73 -47.44 2.89
C ILE D 189 17.12 -47.59 3.50
N ARG D 190 17.14 -47.80 4.81
CA ARG D 190 18.37 -47.94 5.56
C ARG D 190 18.70 -49.42 5.73
N ILE D 191 19.91 -49.79 5.32
CA ILE D 191 20.42 -51.14 5.47
C ILE D 191 21.65 -51.11 6.38
N ALA D 192 21.56 -51.84 7.48
CA ALA D 192 22.64 -51.86 8.47
C ALA D 192 23.29 -53.23 8.61
N LYS D 193 24.61 -53.27 8.53
CA LYS D 193 25.32 -54.51 8.75
C LYS D 193 25.13 -54.99 10.16
N ASN D 194 24.66 -56.22 10.31
CA ASN D 194 24.32 -56.73 11.62
C ASN D 194 24.26 -58.25 11.66
N SER D 195 25.25 -58.85 12.31
CA SER D 195 25.43 -60.29 12.33
C SER D 195 24.32 -61.01 13.11
N THR D 196 23.66 -60.30 14.01
CA THR D 196 22.60 -60.89 14.83
C THR D 196 21.31 -61.17 14.08
N LEU D 197 21.28 -60.80 12.81
CA LEU D 197 20.15 -61.15 11.96
C LEU D 197 20.46 -62.30 11.00
N LYS D 198 19.46 -63.13 10.73
CA LYS D 198 19.65 -64.32 9.91
C LYS D 198 20.20 -63.97 8.52
N THR D 199 19.64 -62.92 7.92
CA THR D 199 20.07 -62.48 6.59
C THR D 199 21.40 -61.72 6.62
N GLY D 200 21.80 -61.31 7.82
CA GLY D 200 22.98 -60.50 8.05
C GLY D 200 22.85 -58.99 8.02
N TYR D 201 21.66 -58.47 7.76
CA TYR D 201 21.39 -57.02 7.68
C TYR D 201 20.02 -56.65 8.25
N GLN D 202 19.98 -55.55 9.01
CA GLN D 202 18.69 -54.95 9.33
C GLN D 202 18.23 -54.05 8.18
N VAL D 203 16.93 -54.09 7.93
CA VAL D 203 16.27 -53.24 6.94
C VAL D 203 15.26 -52.34 7.63
N GLN D 204 15.35 -51.05 7.36
CA GLN D 204 14.48 -50.08 7.98
C GLN D 204 13.96 -49.15 6.90
N SER D 205 12.67 -48.84 6.92
CA SER D 205 12.15 -47.80 6.04
C SER D 205 12.18 -46.51 6.84
N VAL D 206 12.72 -45.46 6.24
CA VAL D 206 12.93 -44.21 6.97
C VAL D 206 12.29 -43.02 6.27
N PHE D 207 11.57 -42.20 7.03
CA PHE D 207 11.11 -40.92 6.54
C PHE D 207 11.80 -39.80 7.31
N GLN D 208 12.21 -38.76 6.62
CA GLN D 208 13.06 -37.77 7.28
C GLN D 208 12.79 -36.37 6.73
N ILE D 209 12.99 -35.36 7.56
CA ILE D 209 12.89 -33.97 7.13
C ILE D 209 14.00 -33.23 7.85
N THR D 210 14.97 -32.75 7.13
CA THR D 210 16.11 -32.09 7.73
C THR D 210 15.92 -30.59 7.77
N GLN D 211 16.49 -29.88 8.72
CA GLN D 211 16.35 -28.43 8.81
C GLN D 211 17.44 -27.77 9.65
N ASP D 212 17.48 -26.44 9.69
CA ASP D 212 18.45 -25.77 10.53
C ASP D 212 17.80 -25.63 11.87
N THR D 213 18.64 -25.66 12.88
CA THR D 213 18.12 -25.75 14.22
C THR D 213 17.24 -24.55 14.62
N ARG D 214 17.33 -23.49 13.82
CA ARG D 214 16.53 -22.30 14.04
C ARG D 214 15.02 -22.52 14.08
N ASP D 215 14.59 -23.64 13.51
CA ASP D 215 13.17 -24.01 13.46
C ASP D 215 12.88 -25.33 14.15
N ILE D 216 13.56 -25.63 15.25
CA ILE D 216 13.29 -26.94 15.86
C ILE D 216 11.84 -26.96 16.31
N GLU D 217 11.36 -25.80 16.71
CA GLU D 217 10.00 -25.65 17.16
C GLU D 217 9.02 -25.97 16.05
N LEU D 218 9.33 -25.45 14.86
CA LEU D 218 8.48 -25.74 13.71
C LEU D 218 8.41 -27.23 13.45
N MET D 219 9.56 -27.90 13.50
CA MET D 219 9.57 -29.34 13.23
C MET D 219 8.73 -30.07 14.22
N LYS D 220 8.85 -29.66 15.46
CA LYS D 220 8.07 -30.29 16.49
C LYS D 220 6.59 -30.10 16.32
N ASN D 221 6.22 -28.95 15.81
CA ASN D 221 4.85 -28.73 15.57
C ASN D 221 4.37 -29.71 14.47
N LEU D 222 5.23 -30.01 13.50
CA LEU D 222 4.88 -30.98 12.45
C LEU D 222 4.79 -32.37 12.98
N ILE D 223 5.60 -32.67 13.97
CA ILE D 223 5.58 -33.97 14.60
C ILE D 223 4.22 -34.16 15.25
N SER D 224 3.75 -33.13 15.94
CA SER D 224 2.43 -33.18 16.56
C SER D 224 1.41 -33.34 15.46
N TYR D 225 1.66 -32.69 14.33
CA TYR D 225 0.69 -32.68 13.26
C TYR D 225 0.64 -34.09 12.65
N LEU D 226 1.80 -34.74 12.53
CA LEU D 226 1.86 -36.10 11.96
C LEU D 226 1.68 -37.22 12.99
N ASN D 227 1.77 -36.85 14.27
CA ASN D 227 1.60 -37.73 15.44
C ASN D 227 2.68 -38.80 15.54
N CYS D 228 3.84 -38.51 14.96
CA CYS D 228 4.95 -39.44 15.08
C CYS D 228 6.27 -38.81 14.69
N GLY D 229 7.32 -39.57 14.94
CA GLY D 229 8.66 -39.21 14.58
C GLY D 229 9.37 -38.70 15.80
N ASN D 230 10.69 -38.77 15.77
CA ASN D 230 11.55 -38.19 16.79
C ASN D 230 12.52 -37.15 16.26
N ILE D 231 12.94 -36.25 17.14
CA ILE D 231 13.96 -35.30 16.77
C ILE D 231 15.35 -35.85 17.05
N ARG D 232 16.21 -35.77 16.04
CA ARG D 232 17.61 -36.16 16.15
C ARG D 232 18.41 -34.91 15.84
N ILE D 233 19.29 -34.52 16.75
CA ILE D 233 20.11 -33.34 16.54
C ILE D 233 21.58 -33.59 16.19
N ARG D 234 22.02 -33.04 15.07
CA ARG D 234 23.45 -33.07 14.73
C ARG D 234 23.94 -31.63 14.70
N THR D 245 23.65 -25.51 13.47
CA THR D 245 23.81 -26.86 12.96
C THR D 245 22.46 -27.38 12.44
N CYS D 246 22.33 -28.68 12.18
CA CYS D 246 21.00 -29.22 11.84
C CYS D 246 20.21 -30.12 12.80
N VAL D 247 18.89 -30.06 12.59
CA VAL D 247 17.90 -30.90 13.23
C VAL D 247 17.24 -31.79 12.20
N ASP D 248 17.02 -33.05 12.58
CA ASP D 248 16.24 -33.99 11.80
C ASP D 248 14.94 -34.44 12.47
N LEU D 249 13.84 -34.39 11.73
CA LEU D 249 12.63 -35.14 12.07
C LEU D 249 12.76 -36.54 11.47
N VAL D 250 12.73 -37.58 12.31
CA VAL D 250 12.89 -38.96 11.81
C VAL D 250 11.76 -39.91 12.19
N VAL D 251 11.14 -40.52 11.19
CA VAL D 251 10.16 -41.56 11.42
C VAL D 251 10.71 -42.91 10.99
N THR D 252 10.86 -43.82 11.95
CA THR D 252 11.40 -45.15 11.69
C THR D 252 10.41 -46.25 12.05
N ASN D 253 9.49 -45.92 12.95
CA ASN D 253 8.47 -46.86 13.38
C ASN D 253 7.62 -47.38 12.24
N LEU D 254 7.58 -48.70 12.10
CA LEU D 254 6.92 -49.31 10.96
C LEU D 254 5.42 -49.09 10.88
N ASN D 255 4.64 -49.22 11.95
CA ASN D 255 3.23 -48.87 11.71
C ASN D 255 2.87 -47.43 12.02
N ASP D 256 3.85 -46.59 12.33
CA ASP D 256 3.65 -45.16 12.14
C ASP D 256 3.80 -44.86 10.67
N ILE D 257 4.75 -45.52 10.03
CA ILE D 257 4.97 -45.37 8.60
C ILE D 257 3.77 -45.90 7.85
N LYS D 258 3.34 -47.09 8.24
CA LYS D 258 2.23 -47.82 7.65
C LYS D 258 0.89 -47.15 7.85
N GLU D 259 0.63 -46.69 9.07
CA GLU D 259 -0.72 -46.24 9.38
C GLU D 259 -0.86 -44.73 9.44
N LYS D 260 0.24 -44.00 9.33
CA LYS D 260 0.17 -42.55 9.38
C LYS D 260 0.78 -41.80 8.20
N ILE D 261 2.08 -41.97 8.00
CA ILE D 261 2.80 -41.26 6.94
C ILE D 261 2.36 -41.57 5.50
N ILE D 262 2.32 -42.85 5.13
CA ILE D 262 1.94 -43.24 3.78
C ILE D 262 0.48 -42.84 3.48
N PRO D 263 -0.48 -43.07 4.43
CA PRO D 263 -1.81 -42.58 4.06
C PRO D 263 -1.84 -41.07 3.85
N PHE D 264 -1.05 -40.35 4.65
CA PHE D 264 -0.97 -38.91 4.55
C PHE D 264 -0.49 -38.51 3.18
N PHE D 265 0.59 -39.09 2.70
CA PHE D 265 1.12 -38.60 1.44
C PHE D 265 0.37 -39.26 0.28
N ASN D 266 -0.48 -40.23 0.62
CA ASN D 266 -1.36 -40.83 -0.38
C ASN D 266 -2.56 -39.95 -0.70
N LYS D 267 -3.10 -39.23 0.28
CA LYS D 267 -4.24 -38.37 -0.10
C LYS D 267 -3.84 -36.96 -0.57
N ASN D 268 -2.82 -36.38 0.07
CA ASN D 268 -2.29 -35.07 -0.30
C ASN D 268 -0.89 -35.28 -0.89
N HIS D 269 -0.82 -35.29 -2.21
CA HIS D 269 0.28 -35.86 -2.98
C HIS D 269 1.57 -35.03 -2.95
N ILE D 270 2.68 -35.75 -2.79
CA ILE D 270 4.01 -35.20 -3.01
C ILE D 270 4.09 -34.95 -4.51
N ILE D 271 4.74 -33.86 -4.90
CA ILE D 271 4.97 -33.54 -6.31
C ILE D 271 6.45 -33.65 -6.73
N GLY D 272 6.68 -33.74 -8.04
CA GLY D 272 8.03 -33.77 -8.59
C GLY D 272 8.67 -35.15 -8.63
N VAL D 273 9.93 -35.21 -9.05
CA VAL D 273 10.66 -36.47 -9.17
C VAL D 273 10.68 -37.34 -7.91
N LYS D 274 10.60 -36.71 -6.75
CA LYS D 274 10.60 -37.43 -5.48
C LYS D 274 9.47 -38.45 -5.31
N LEU D 275 8.39 -38.34 -6.10
CA LEU D 275 7.32 -39.33 -6.02
C LEU D 275 7.83 -40.68 -6.40
N GLN D 276 8.70 -40.71 -7.39
CA GLN D 276 9.20 -41.98 -7.80
C GLN D 276 10.02 -42.58 -6.69
N ASP D 277 10.79 -41.75 -5.99
CA ASP D 277 11.55 -42.30 -4.90
C ASP D 277 10.58 -42.79 -3.83
N TYR D 278 9.56 -41.96 -3.61
CA TYR D 278 8.49 -42.28 -2.68
C TYR D 278 7.81 -43.57 -3.05
N ARG D 279 7.50 -43.70 -4.34
CA ARG D 279 6.80 -44.89 -4.78
C ARG D 279 7.64 -46.14 -4.49
N ASP D 280 8.93 -46.08 -4.81
CA ASP D 280 9.81 -47.21 -4.52
C ASP D 280 9.87 -47.49 -3.03
N TRP D 281 9.92 -46.42 -2.25
CA TRP D 281 9.96 -46.52 -0.81
C TRP D 281 8.73 -47.29 -0.30
N CYS D 282 7.54 -46.99 -0.85
CA CYS D 282 6.35 -47.75 -0.47
C CYS D 282 6.50 -49.23 -0.71
N LYS D 283 7.10 -49.58 -1.85
CA LYS D 283 7.21 -50.99 -2.20
C LYS D 283 8.07 -51.68 -1.17
N VAL D 284 9.16 -51.04 -0.76
CA VAL D 284 10.01 -51.68 0.24
C VAL D 284 9.27 -51.77 1.56
N VAL D 285 8.47 -50.75 1.87
CA VAL D 285 7.71 -50.79 3.10
C VAL D 285 6.76 -51.99 3.08
N THR D 286 6.17 -52.27 1.92
CA THR D 286 5.32 -53.43 1.78
C THR D 286 6.11 -54.69 2.07
N LEU D 287 7.27 -54.80 1.46
CA LEU D 287 8.11 -55.95 1.68
C LEU D 287 8.45 -56.15 3.16
N ILE D 288 8.75 -55.07 3.89
CA ILE D 288 9.03 -55.29 5.30
C ILE D 288 7.73 -55.73 6.00
N ASP D 289 6.61 -55.05 5.70
CA ASP D 289 5.34 -55.41 6.33
C ASP D 289 4.94 -56.87 6.14
N ASN D 290 5.31 -57.47 5.01
CA ASN D 290 4.99 -58.87 4.80
C ASN D 290 6.20 -59.73 5.16
N LYS D 291 7.13 -59.15 5.90
CA LYS D 291 8.27 -59.88 6.49
C LYS D 291 9.22 -60.48 5.45
N GLU D 292 9.14 -60.03 4.20
CA GLU D 292 9.97 -60.57 3.11
C GLU D 292 11.44 -60.12 3.15
N HIS D 293 11.72 -59.08 3.93
CA HIS D 293 13.07 -58.58 4.16
C HIS D 293 13.93 -59.50 5.02
N LEU D 294 13.28 -60.47 5.66
CA LEU D 294 13.91 -61.43 6.56
C LEU D 294 14.41 -62.72 5.89
N THR D 295 14.38 -62.75 4.57
CA THR D 295 14.92 -63.88 3.81
C THR D 295 16.06 -63.35 2.96
N SER D 296 17.01 -64.22 2.63
CA SER D 296 18.14 -63.82 1.81
C SER D 296 17.69 -63.28 0.45
N GLU D 297 16.79 -63.99 -0.20
CA GLU D 297 16.32 -63.57 -1.50
C GLU D 297 15.63 -62.21 -1.43
N GLY D 298 14.71 -62.04 -0.47
CA GLY D 298 14.04 -60.77 -0.31
C GLY D 298 14.92 -59.59 0.06
N LEU D 299 15.87 -59.83 0.96
CA LEU D 299 16.81 -58.78 1.37
C LEU D 299 17.64 -58.34 0.17
N GLU D 300 18.06 -59.31 -0.63
CA GLU D 300 18.77 -59.00 -1.87
C GLU D 300 17.90 -58.16 -2.81
N LYS D 301 16.64 -58.55 -2.95
CA LYS D 301 15.68 -57.78 -3.77
C LYS D 301 15.64 -56.31 -3.34
N ILE D 302 15.43 -56.10 -2.05
CA ILE D 302 15.30 -54.75 -1.52
C ILE D 302 16.61 -53.98 -1.73
N GLN D 303 17.74 -54.60 -1.44
CA GLN D 303 19.04 -53.97 -1.70
C GLN D 303 19.17 -53.48 -3.14
N LYS D 304 18.72 -54.32 -4.07
CA LYS D 304 18.77 -53.99 -5.49
C LYS D 304 17.93 -52.74 -5.73
N ILE D 305 16.77 -52.70 -5.08
CA ILE D 305 15.89 -51.52 -5.19
C ILE D 305 16.48 -50.24 -4.59
N LYS D 306 17.02 -50.32 -3.38
CA LYS D 306 17.61 -49.17 -2.73
C LYS D 306 18.68 -48.59 -3.63
N GLU D 307 19.47 -49.44 -4.28
CA GLU D 307 20.53 -48.89 -5.13
C GLU D 307 19.98 -48.13 -6.35
N GLY D 308 18.73 -48.38 -6.72
CA GLY D 308 18.13 -47.70 -7.86
C GLY D 308 17.17 -46.57 -7.55
N MET D 309 17.11 -46.19 -6.27
CA MET D 309 16.22 -45.14 -5.77
C MET D 309 17.09 -43.92 -5.47
N ASN D 310 16.51 -42.73 -5.44
CA ASN D 310 17.26 -41.56 -5.03
C ASN D 310 18.55 -41.29 -5.78
N ARG D 311 19.67 -41.26 -5.07
CA ARG D 311 20.94 -40.91 -5.68
C ARG D 311 21.34 -41.85 -6.81
N GLY D 312 20.89 -43.10 -6.82
CA GLY D 312 21.27 -43.97 -7.91
C GLY D 312 20.41 -43.88 -9.17
N ARG D 313 19.33 -43.10 -9.13
CA ARG D 313 18.47 -42.91 -10.31
C ARG D 313 19.16 -42.00 -11.33
N SER D 314 19.12 -42.38 -12.60
CA SER D 314 19.85 -41.62 -13.62
C SER D 314 19.03 -41.44 -14.88
N ASN G 16 5.11 -59.09 34.37
CA ASN G 16 5.09 -58.95 35.83
C ASN G 16 5.44 -57.54 36.28
N ILE G 17 4.63 -57.01 37.19
CA ILE G 17 4.75 -55.66 37.72
C ILE G 17 6.02 -55.41 38.56
N SER G 18 6.54 -54.19 38.48
CA SER G 18 7.73 -53.77 39.22
C SER G 18 7.38 -53.39 40.66
N PRO G 19 8.32 -53.60 41.61
CA PRO G 19 8.15 -53.31 43.05
C PRO G 19 7.90 -51.82 43.39
N TRP G 20 8.49 -50.89 42.66
CA TRP G 20 8.26 -49.47 42.93
C TRP G 20 6.85 -49.01 42.56
N THR G 21 6.24 -49.67 41.58
CA THR G 21 4.84 -49.39 41.27
C THR G 21 4.02 -49.75 42.49
N ILE G 22 4.38 -50.88 43.08
CA ILE G 22 3.75 -51.38 44.29
C ILE G 22 3.91 -50.40 45.44
N THR G 23 5.13 -49.92 45.66
CA THR G 23 5.36 -49.00 46.76
C THR G 23 4.59 -47.69 46.58
N GLY G 24 4.59 -47.15 45.36
CA GLY G 24 3.84 -45.94 45.05
C GLY G 24 2.34 -46.03 45.22
N PHE G 25 1.85 -47.17 44.75
CA PHE G 25 0.44 -47.47 44.79
C PHE G 25 0.06 -47.60 46.25
N ALA G 26 0.95 -48.16 47.06
CA ALA G 26 0.71 -48.26 48.50
C ALA G 26 0.74 -46.88 49.16
N ASP G 27 1.67 -46.04 48.72
CA ASP G 27 1.75 -44.63 49.12
C ASP G 27 0.39 -43.97 48.93
N GLY G 28 -0.30 -44.36 47.87
CA GLY G 28 -1.62 -43.83 47.59
C GLY G 28 -2.77 -44.47 48.37
N GLU G 29 -2.88 -45.79 48.26
CA GLU G 29 -4.09 -46.53 48.65
C GLU G 29 -4.01 -47.45 49.89
N SER G 30 -2.86 -47.60 50.53
CA SER G 30 -2.74 -48.61 51.59
C SER G 30 -3.03 -48.08 52.99
N SER G 31 -3.23 -48.99 53.95
CA SER G 31 -3.38 -48.62 55.36
C SER G 31 -2.63 -49.55 56.32
N PHE G 32 -1.94 -48.94 57.29
CA PHE G 32 -1.32 -49.66 58.40
C PHE G 32 -2.17 -49.46 59.64
N MET G 33 -2.55 -50.54 60.29
CA MET G 33 -3.52 -50.48 61.36
C MET G 33 -3.13 -51.28 62.57
N LEU G 34 -3.58 -50.81 63.73
CA LEU G 34 -3.42 -51.56 64.95
C LEU G 34 -4.80 -51.63 65.61
N THR G 35 -5.36 -52.82 65.77
CA THR G 35 -6.63 -52.95 66.48
C THR G 35 -6.38 -53.38 67.93
N VAL G 36 -6.92 -52.60 68.86
CA VAL G 36 -6.87 -52.91 70.28
C VAL G 36 -8.28 -53.00 70.87
N SER G 37 -8.71 -54.24 71.10
CA SER G 37 -10.06 -54.58 71.51
C SER G 37 -10.11 -55.17 72.92
N LYS G 38 -11.09 -54.74 73.71
CA LYS G 38 -11.28 -55.30 75.05
C LYS G 38 -11.52 -56.81 75.00
N ASP G 39 -10.79 -57.53 75.84
CA ASP G 39 -10.84 -58.98 75.87
C ASP G 39 -10.55 -59.50 77.27
N LYS G 41 -10.38 -62.57 78.70
CA LYS G 41 -9.81 -63.86 78.33
C LYS G 41 -8.30 -63.77 78.21
N ARG G 42 -7.75 -62.61 78.56
CA ARG G 42 -6.30 -62.34 78.59
C ARG G 42 -5.96 -61.47 79.79
N ASN G 43 -4.74 -61.61 80.26
CA ASN G 43 -4.25 -60.91 81.43
C ASN G 43 -4.19 -59.39 81.33
N THR G 44 -3.92 -58.83 80.17
CA THR G 44 -3.94 -57.37 80.10
C THR G 44 -5.36 -56.85 79.91
N GLY G 45 -6.27 -57.73 79.51
CA GLY G 45 -7.64 -57.33 79.26
C GLY G 45 -7.84 -56.80 77.86
N TRP G 46 -6.76 -56.80 77.10
CA TRP G 46 -6.84 -56.23 75.76
C TRP G 46 -6.15 -57.14 74.75
N SER G 47 -6.70 -57.13 73.55
CA SER G 47 -6.17 -57.81 72.38
C SER G 47 -5.58 -56.80 71.42
N VAL G 48 -4.37 -57.07 70.98
CA VAL G 48 -3.65 -56.20 70.06
C VAL G 48 -3.23 -56.92 68.79
N ARG G 49 -3.53 -56.31 67.65
CA ARG G 49 -3.16 -56.92 66.39
C ARG G 49 -2.83 -55.94 65.29
N PRO G 50 -1.84 -56.31 64.48
CA PRO G 50 -1.46 -55.47 63.36
C PRO G 50 -2.15 -55.87 62.05
N ARG G 51 -2.39 -54.90 61.17
CA ARG G 51 -2.99 -55.18 59.86
C ARG G 51 -2.32 -54.27 58.84
N PHE G 52 -2.09 -54.80 57.63
CA PHE G 52 -1.74 -53.97 56.49
C PHE G 52 -2.70 -54.28 55.35
N ARG G 53 -3.22 -53.28 54.66
CA ARG G 53 -4.27 -53.59 53.69
C ARG G 53 -4.21 -52.62 52.51
N ILE G 54 -4.56 -53.10 51.32
CA ILE G 54 -4.77 -52.22 50.17
C ILE G 54 -6.16 -52.41 49.58
N GLY G 55 -6.86 -51.29 49.40
CA GLY G 55 -8.21 -51.27 48.87
C GLY G 55 -8.56 -50.41 47.67
N LEU G 56 -9.26 -51.02 46.72
CA LEU G 56 -9.58 -50.45 45.42
C LEU G 56 -11.02 -50.75 45.09
N HIS G 57 -11.54 -50.13 44.04
CA HIS G 57 -12.83 -50.51 43.48
C HIS G 57 -12.77 -51.97 43.02
N ASN G 58 -13.88 -52.69 43.15
CA ASN G 58 -14.02 -54.08 42.71
C ASN G 58 -13.40 -54.46 41.36
N LYS G 59 -13.46 -53.54 40.41
CA LYS G 59 -12.97 -53.80 39.04
C LYS G 59 -11.47 -54.14 38.85
N ASP G 60 -10.62 -53.84 39.83
CA ASP G 60 -9.17 -54.00 39.64
C ASP G 60 -8.44 -55.10 40.42
N VAL G 61 -9.17 -56.13 40.81
CA VAL G 61 -8.56 -57.31 41.44
C VAL G 61 -7.35 -57.91 40.74
N THR G 62 -7.34 -57.92 39.41
CA THR G 62 -6.19 -58.47 38.71
C THR G 62 -4.88 -57.81 39.10
N ILE G 63 -4.94 -56.50 39.34
CA ILE G 63 -3.75 -55.77 39.78
C ILE G 63 -3.30 -56.35 41.09
N LEU G 64 -4.26 -56.56 41.97
CA LEU G 64 -3.95 -57.09 43.28
C LEU G 64 -3.33 -58.47 43.13
N LYS G 65 -3.84 -59.28 42.20
CA LYS G 65 -3.23 -60.58 42.08
C LYS G 65 -1.80 -60.46 41.66
N SER G 66 -1.52 -59.53 40.77
CA SER G 66 -0.17 -59.37 40.32
C SER G 66 0.73 -58.95 41.46
N ILE G 67 0.25 -58.01 42.27
CA ILE G 67 1.05 -57.55 43.40
C ILE G 67 1.23 -58.73 44.34
N ARG G 68 0.15 -59.48 44.60
CA ARG G 68 0.27 -60.64 45.47
C ARG G 68 1.28 -61.64 44.95
N GLU G 69 1.27 -61.87 43.64
CA GLU G 69 2.16 -62.87 43.04
C GLU G 69 3.58 -62.36 43.23
N TYR G 70 3.77 -61.05 43.15
CA TYR G 70 5.10 -60.51 43.37
C TYR G 70 5.57 -60.86 44.79
N LEU G 71 4.77 -60.59 45.82
CA LEU G 71 5.30 -60.71 47.19
C LEU G 71 5.16 -62.16 47.62
N GLY G 72 4.27 -62.89 46.96
CA GLY G 72 3.99 -64.26 47.34
C GLY G 72 3.20 -64.36 48.63
N ALA G 73 2.37 -63.35 48.88
CA ALA G 73 1.63 -63.28 50.12
C ALA G 73 0.47 -62.29 50.00
N GLY G 74 -0.48 -62.43 50.92
CA GLY G 74 -1.66 -61.59 50.93
C GLY G 74 -2.92 -62.35 50.58
N ILE G 75 -4.02 -62.01 51.24
CA ILE G 75 -5.29 -62.69 50.96
C ILE G 75 -6.23 -61.67 50.32
N ILE G 76 -6.70 -62.03 49.13
CA ILE G 76 -7.55 -61.17 48.31
C ILE G 76 -9.05 -61.45 48.41
N THR G 77 -9.81 -60.37 48.55
CA THR G 77 -11.27 -60.42 48.57
C THR G 77 -11.84 -59.36 47.65
N SER G 78 -13.04 -59.64 47.15
CA SER G 78 -13.76 -58.73 46.28
C SER G 78 -15.22 -58.80 46.72
N ASP G 79 -15.75 -57.69 47.21
CA ASP G 79 -17.15 -57.62 47.61
C ASP G 79 -17.72 -56.23 47.29
N ILE G 80 -17.90 -55.38 48.29
CA ILE G 80 -18.35 -54.03 47.98
C ILE G 80 -17.15 -53.24 47.49
N ASP G 81 -15.96 -53.72 47.83
CA ASP G 81 -14.72 -53.22 47.26
C ASP G 81 -13.72 -54.37 47.12
N ALA G 82 -12.55 -54.09 46.56
CA ALA G 82 -11.52 -55.12 46.46
C ALA G 82 -10.36 -54.83 47.40
N ARG G 83 -9.94 -55.84 48.15
CA ARG G 83 -8.90 -55.65 49.14
C ARG G 83 -7.92 -56.79 49.10
N ILE G 84 -6.65 -56.46 49.30
CA ILE G 84 -5.68 -57.47 49.67
C ILE G 84 -5.25 -57.16 51.09
N ARG G 85 -5.24 -58.17 51.94
CA ARG G 85 -4.94 -57.92 53.34
C ARG G 85 -3.84 -58.84 53.81
N PHE G 86 -3.09 -58.29 54.77
CA PHE G 86 -1.98 -58.93 55.42
C PHE G 86 -2.21 -58.80 56.92
N GLU G 87 -2.41 -59.93 57.60
CA GLU G 87 -2.80 -59.91 59.01
C GLU G 87 -1.94 -60.86 59.85
N SER G 88 -1.41 -61.91 59.24
CA SER G 88 -0.54 -62.86 59.95
C SER G 88 0.88 -62.31 60.12
N LEU G 89 1.59 -62.78 61.15
CA LEU G 89 2.93 -62.27 61.40
C LEU G 89 3.92 -62.53 60.25
N LYS G 90 3.83 -63.70 59.64
CA LYS G 90 4.69 -64.02 58.48
C LYS G 90 4.48 -63.12 57.27
N GLU G 91 3.21 -62.86 56.95
CA GLU G 91 2.89 -62.02 55.81
C GLU G 91 3.28 -60.57 56.08
N LEU G 92 3.02 -60.06 57.27
CA LEU G 92 3.42 -58.69 57.51
C LEU G 92 4.92 -58.62 57.51
N GLU G 93 5.58 -59.69 57.93
CA GLU G 93 7.05 -59.71 57.87
C GLU G 93 7.43 -59.56 56.39
N VAL G 94 6.70 -60.22 55.48
CA VAL G 94 6.92 -60.06 54.03
C VAL G 94 6.71 -58.62 53.53
N VAL G 95 5.65 -57.98 54.04
CA VAL G 95 5.31 -56.60 53.72
C VAL G 95 6.44 -55.69 54.13
N ILE G 96 6.92 -55.89 55.35
CA ILE G 96 8.02 -55.13 55.93
C ILE G 96 9.26 -55.34 55.10
N ASN G 97 9.52 -56.56 54.65
CA ASN G 97 10.70 -56.78 53.83
C ASN G 97 10.57 -55.91 52.58
N HIS G 98 9.37 -55.86 52.03
CA HIS G 98 9.15 -55.03 50.85
C HIS G 98 9.37 -53.53 51.11
N PHE G 99 8.74 -52.96 52.14
CA PHE G 99 8.84 -51.52 52.30
C PHE G 99 10.20 -51.11 52.86
N ASP G 100 10.89 -52.03 53.53
CA ASP G 100 12.27 -51.81 53.93
C ASP G 100 13.17 -51.82 52.71
N LYS G 101 12.82 -52.64 51.71
CA LYS G 101 13.68 -52.72 50.54
C LYS G 101 13.30 -51.62 49.54
N TYR G 102 12.00 -51.37 49.43
CA TYR G 102 11.47 -50.37 48.49
C TYR G 102 10.58 -49.32 49.15
N PRO G 103 11.18 -48.36 49.87
CA PRO G 103 10.42 -47.48 50.77
C PRO G 103 9.53 -46.52 50.01
N ILE G 105 6.77 -43.06 50.66
CA ILE G 105 7.50 -41.80 50.65
C ILE G 105 6.53 -40.63 50.88
N THR G 106 5.24 -40.95 50.98
CA THR G 106 4.30 -39.94 51.45
C THR G 106 4.35 -39.93 52.98
N GLN G 107 3.54 -39.08 53.60
CA GLN G 107 3.48 -39.00 55.06
C GLN G 107 3.07 -40.33 55.71
N LYS G 108 2.49 -41.22 54.93
CA LYS G 108 2.12 -42.54 55.40
C LYS G 108 3.32 -43.37 55.84
N ARG G 109 4.51 -42.99 55.39
CA ARG G 109 5.74 -43.58 55.87
C ARG G 109 5.83 -43.47 57.39
N ALA G 110 5.36 -42.36 57.94
CA ALA G 110 5.45 -42.19 59.37
C ALA G 110 4.50 -43.16 60.04
N ASP G 111 3.32 -43.36 59.43
CA ASP G 111 2.40 -44.34 59.97
C ASP G 111 3.05 -45.71 59.93
N TYR G 112 3.77 -45.97 58.85
CA TYR G 112 4.42 -47.26 58.68
C TYR G 112 5.39 -47.48 59.80
N LEU G 113 6.11 -46.42 60.15
CA LEU G 113 7.16 -46.59 61.12
C LEU G 113 6.57 -46.90 62.48
N LEU G 114 5.45 -46.26 62.82
CA LEU G 114 4.80 -46.57 64.08
C LEU G 114 4.39 -48.02 64.09
N PHE G 115 3.74 -48.41 63.00
CA PHE G 115 3.31 -49.77 62.85
C PHE G 115 4.44 -50.73 63.01
N LYS G 116 5.58 -50.39 62.42
CA LYS G 116 6.63 -51.35 62.44
C LYS G 116 7.17 -51.57 63.84
N LYS G 117 7.28 -50.49 64.63
CA LYS G 117 7.77 -50.71 65.98
C LYS G 117 6.82 -51.60 66.77
N ALA G 118 5.53 -51.33 66.59
CA ALA G 118 4.53 -52.09 67.32
C ALA G 118 4.57 -53.54 66.90
N PHE G 119 4.73 -53.73 65.61
CA PHE G 119 4.76 -55.08 65.08
C PHE G 119 5.85 -55.89 65.73
N TYR G 120 6.98 -55.25 65.92
CA TYR G 120 8.11 -55.96 66.48
C TYR G 120 7.80 -56.34 67.94
N LEU G 121 7.23 -55.41 68.70
CA LEU G 121 6.80 -55.66 70.07
C LEU G 121 5.87 -56.87 70.07
N ILE G 122 4.99 -56.93 69.09
CA ILE G 122 4.03 -58.02 69.00
C ILE G 122 4.81 -59.30 68.66
N LYS G 123 5.76 -59.22 67.74
CA LYS G 123 6.57 -60.38 67.37
C LYS G 123 7.25 -60.97 68.61
N ASN G 124 7.67 -60.10 69.53
CA ASN G 124 8.37 -60.54 70.73
C ASN G 124 7.41 -60.85 71.88
N LYS G 125 6.12 -60.76 71.59
CA LYS G 125 5.06 -61.11 72.54
C LYS G 125 5.07 -60.21 73.76
N GLU G 126 5.72 -59.05 73.61
CA GLU G 126 5.76 -58.02 74.63
C GLU G 126 4.40 -57.36 74.78
N HIS G 127 3.51 -57.58 73.81
CA HIS G 127 2.15 -57.05 73.86
C HIS G 127 1.26 -57.70 74.92
N LEU G 128 1.71 -58.82 75.50
CA LEU G 128 0.92 -59.55 76.50
C LEU G 128 1.21 -59.02 77.91
N THR G 129 1.93 -57.90 77.98
CA THR G 129 2.26 -57.26 79.25
C THR G 129 1.58 -55.90 79.38
N GLU G 130 1.37 -55.43 80.61
CA GLU G 130 0.88 -54.06 80.79
C GLU G 130 1.83 -53.04 80.20
N GLU G 131 3.13 -53.26 80.38
CA GLU G 131 4.12 -52.31 79.88
C GLU G 131 4.08 -52.28 78.36
N GLY G 132 4.13 -53.47 77.78
CA GLY G 132 4.12 -53.59 76.34
C GLY G 132 2.82 -53.16 75.72
N LEU G 133 1.72 -53.50 76.39
CA LEU G 133 0.42 -53.08 75.88
C LEU G 133 0.42 -51.56 75.84
N ASN G 134 0.81 -50.94 76.95
CA ASN G 134 0.88 -49.47 76.99
C ASN G 134 1.81 -48.84 75.97
N GLN G 135 2.95 -49.47 75.67
CA GLN G 135 3.86 -48.86 74.70
C GLN G 135 3.18 -48.91 73.33
N ILE G 136 2.53 -50.05 73.09
CA ILE G 136 1.79 -50.22 71.85
C ILE G 136 0.73 -49.12 71.77
N LEU G 137 0.03 -48.86 72.87
CA LEU G 137 -0.94 -47.77 72.88
C LEU G 137 -0.28 -46.43 72.61
N THR G 138 0.94 -46.20 73.08
CA THR G 138 1.58 -44.94 72.69
C THR G 138 1.84 -44.87 71.17
N LEU G 139 2.18 -46.00 70.54
CA LEU G 139 2.37 -45.98 69.07
C LEU G 139 1.06 -45.79 68.32
N LYS G 140 0.08 -46.57 68.73
CA LYS G 140 -1.25 -46.54 68.14
C LYS G 140 -1.86 -45.15 68.31
N ALA G 141 -1.54 -44.49 69.42
CA ALA G 141 -2.10 -43.17 69.74
C ALA G 141 -1.80 -42.11 68.69
N SER G 142 -0.64 -42.23 68.05
CA SER G 142 -0.17 -41.27 67.05
C SER G 142 -0.36 -41.82 65.64
N LEU G 143 -0.89 -43.03 65.55
CA LEU G 143 -1.08 -43.74 64.29
C LEU G 143 -2.47 -43.42 63.74
N ASN G 144 -2.46 -42.95 62.49
CA ASN G 144 -3.67 -42.54 61.78
C ASN G 144 -4.51 -41.60 62.64
N LEU G 145 -5.71 -42.07 62.94
CA LEU G 145 -6.71 -41.25 63.59
C LEU G 145 -6.50 -41.27 65.11
N GLY G 146 -5.49 -42.01 65.55
CA GLY G 146 -5.15 -42.03 66.96
C GLY G 146 -6.11 -42.87 67.77
N LEU G 147 -6.16 -42.61 69.07
CA LEU G 147 -6.95 -43.45 69.95
C LEU G 147 -8.39 -43.01 69.90
N SER G 148 -9.27 -44.00 69.82
CA SER G 148 -10.71 -43.80 69.95
C SER G 148 -11.11 -43.36 71.33
N GLU G 149 -12.33 -42.84 71.44
CA GLU G 149 -12.92 -42.46 72.70
C GLU G 149 -12.92 -43.63 73.70
N GLU G 150 -13.28 -44.83 73.24
CA GLU G 150 -13.28 -45.98 74.14
C GLU G 150 -11.88 -46.23 74.70
N LEU G 151 -10.87 -46.16 73.83
CA LEU G 151 -9.51 -46.37 74.28
C LEU G 151 -9.03 -45.19 75.11
N LYS G 152 -9.43 -43.97 74.76
CA LYS G 152 -9.09 -42.85 75.63
C LYS G 152 -9.65 -42.97 77.04
N GLU G 153 -10.91 -43.38 77.15
CA GLU G 153 -11.56 -43.57 78.45
C GLU G 153 -10.95 -44.71 79.25
N ALA G 154 -10.61 -45.79 78.57
CA ALA G 154 -10.08 -46.94 79.30
C ALA G 154 -8.61 -46.79 79.64
N PHE G 155 -7.86 -46.06 78.83
CA PHE G 155 -6.43 -45.89 79.11
C PHE G 155 -5.97 -44.44 79.03
N PRO G 156 -6.50 -43.58 79.93
CA PRO G 156 -6.26 -42.13 79.94
C PRO G 156 -4.80 -41.74 80.20
N ASN G 157 -4.53 -40.43 80.16
CA ASN G 157 -3.21 -39.85 80.35
C ASN G 157 -2.11 -40.55 79.53
N THR G 158 -2.53 -41.19 78.46
CA THR G 158 -1.65 -41.91 77.55
C THR G 158 -0.89 -40.85 76.76
N ILE G 159 0.44 -40.86 76.80
CA ILE G 159 1.16 -39.92 75.96
C ILE G 159 1.68 -40.54 74.68
N PRO G 160 1.20 -40.01 73.54
CA PRO G 160 1.43 -40.47 72.17
C PRO G 160 2.89 -40.49 71.74
N ALA G 161 3.28 -41.59 71.11
CA ALA G 161 4.64 -41.80 70.62
C ALA G 161 5.11 -40.77 69.60
N GLU G 162 6.43 -40.59 69.52
CA GLU G 162 7.05 -39.66 68.59
C GLU G 162 6.81 -40.10 67.15
N GLN G 169 12.13 -35.18 50.49
CA GLN G 169 12.40 -36.43 49.78
C GLN G 169 11.87 -36.46 48.34
N GLU G 170 12.79 -36.86 47.48
CA GLU G 170 12.67 -37.05 46.03
C GLU G 170 12.14 -38.40 45.58
N ILE G 171 11.49 -38.34 44.42
CA ILE G 171 11.01 -39.49 43.66
C ILE G 171 12.03 -40.49 43.16
N PRO G 172 11.92 -41.70 43.72
CA PRO G 172 12.86 -42.80 43.56
C PRO G 172 12.80 -43.51 42.21
N ASP G 173 11.68 -43.48 41.49
CA ASP G 173 11.50 -44.27 40.26
C ASP G 173 10.19 -43.98 39.51
N SER G 174 10.23 -44.07 38.19
CA SER G 174 9.05 -43.83 37.36
C SER G 174 7.87 -44.74 37.67
N ASN G 175 8.15 -45.98 38.06
CA ASN G 175 7.04 -46.87 38.37
C ASN G 175 6.36 -46.47 39.66
N TRP G 176 7.10 -45.78 40.54
CA TRP G 176 6.47 -45.22 41.72
C TRP G 176 5.40 -44.20 41.35
N VAL G 177 5.74 -43.29 40.44
CA VAL G 177 4.82 -42.27 39.97
C VAL G 177 3.64 -42.91 39.31
N ALA G 178 3.91 -43.94 38.51
CA ALA G 178 2.81 -44.64 37.86
C ALA G 178 1.84 -45.27 38.86
N GLY G 179 2.35 -45.91 39.91
CA GLY G 179 1.44 -46.50 40.89
C GLY G 179 0.66 -45.44 41.67
N PHE G 180 1.38 -44.41 42.12
CA PHE G 180 0.74 -43.33 42.85
C PHE G 180 -0.32 -42.59 42.06
N THR G 181 -0.07 -42.34 40.78
CA THR G 181 -1.03 -41.61 39.98
C THR G 181 -2.18 -42.57 39.73
N ALA G 182 -1.86 -43.86 39.64
CA ALA G 182 -2.92 -44.84 39.46
C ALA G 182 -3.86 -44.85 40.68
N GLY G 183 -3.36 -44.50 41.86
CA GLY G 183 -4.27 -44.38 43.01
C GLY G 183 -4.95 -43.03 43.14
N GLU G 184 -4.13 -41.98 43.18
CA GLU G 184 -4.48 -40.59 43.51
C GLU G 184 -4.52 -39.61 42.34
N GLY G 185 -4.14 -40.05 41.15
CA GLY G 185 -4.00 -39.08 40.07
C GLY G 185 -5.35 -38.84 39.46
N SER G 186 -5.48 -37.76 38.69
CA SER G 186 -6.72 -37.49 37.98
C SER G 186 -6.47 -36.87 36.61
N PHE G 187 -7.14 -37.44 35.61
CA PHE G 187 -7.15 -36.92 34.25
C PHE G 187 -8.56 -36.46 33.90
N TYR G 188 -8.81 -35.15 33.86
CA TYR G 188 -10.17 -34.74 33.56
C TYR G 188 -10.21 -33.61 32.53
N ILE G 189 -11.37 -33.46 31.89
CA ILE G 189 -11.59 -32.42 30.91
C ILE G 189 -12.42 -31.31 31.52
N ARG G 190 -11.84 -30.11 31.54
CA ARG G 190 -12.50 -28.95 32.10
C ARG G 190 -13.19 -28.12 31.03
N ILE G 191 -14.49 -27.88 31.22
CA ILE G 191 -15.28 -27.04 30.32
C ILE G 191 -15.79 -25.82 31.05
N ALA G 192 -15.43 -24.64 30.57
CA ALA G 192 -15.86 -23.44 31.27
C ALA G 192 -16.77 -22.57 30.42
N LYS G 193 -17.93 -22.20 30.96
CA LYS G 193 -18.79 -21.28 30.26
C LYS G 193 -18.05 -19.96 30.19
N ASN G 194 -17.89 -19.43 28.99
CA ASN G 194 -17.06 -18.25 28.81
C ASN G 194 -17.47 -17.59 27.51
N SER G 195 -18.14 -16.45 27.62
CA SER G 195 -18.73 -15.79 26.47
C SER G 195 -17.68 -15.26 25.49
N THR G 196 -16.46 -15.01 25.97
CA THR G 196 -15.42 -14.48 25.09
C THR G 196 -14.91 -15.54 24.12
N LEU G 197 -15.42 -16.76 24.24
CA LEU G 197 -15.12 -17.82 23.28
C LEU G 197 -16.32 -18.05 22.36
N LYS G 198 -16.03 -18.38 21.10
CA LYS G 198 -17.08 -18.53 20.08
C LYS G 198 -18.15 -19.56 20.44
N THR G 199 -17.74 -20.72 20.95
CA THR G 199 -18.67 -21.78 21.31
C THR G 199 -19.42 -21.51 22.61
N GLY G 200 -18.92 -20.54 23.37
CA GLY G 200 -19.46 -20.24 24.67
C GLY G 200 -18.75 -21.02 25.76
N TYR G 201 -17.79 -21.86 25.37
CA TYR G 201 -17.06 -22.68 26.33
C TYR G 201 -15.58 -22.85 25.98
N GLN G 202 -14.73 -22.72 26.99
CA GLN G 202 -13.34 -23.16 26.92
C GLN G 202 -13.21 -24.64 27.22
N VAL G 203 -12.30 -25.30 26.50
CA VAL G 203 -11.96 -26.70 26.71
C VAL G 203 -10.50 -26.80 27.12
N GLN G 204 -10.26 -27.50 28.23
CA GLN G 204 -8.90 -27.68 28.71
CA GLN G 204 -8.93 -27.65 28.80
C GLN G 204 -8.70 -29.11 29.18
N SER G 205 -7.54 -29.67 28.84
CA SER G 205 -7.22 -31.00 29.34
C SER G 205 -6.44 -30.74 30.61
N VAL G 206 -6.82 -31.43 31.68
CA VAL G 206 -6.23 -31.16 32.99
C VAL G 206 -5.69 -32.44 33.62
N PHE G 207 -4.46 -32.35 34.13
CA PHE G 207 -3.90 -33.41 34.96
C PHE G 207 -3.71 -32.91 36.39
N GLN G 208 -4.04 -33.73 37.38
CA GLN G 208 -4.07 -33.23 38.75
C GLN G 208 -3.65 -34.29 39.76
N ILE G 209 -2.97 -33.87 40.82
CA ILE G 209 -2.76 -34.74 41.98
C ILE G 209 -3.09 -33.96 43.25
N THR G 210 -3.84 -34.56 44.17
CA THR G 210 -4.28 -33.82 45.36
C THR G 210 -3.62 -34.50 46.56
N GLN G 211 -3.15 -33.72 47.53
CA GLN G 211 -2.51 -34.29 48.73
C GLN G 211 -2.49 -33.34 49.94
N ASP G 212 -2.54 -33.91 51.15
CA ASP G 212 -2.46 -33.12 52.36
C ASP G 212 -1.12 -32.40 52.28
N THR G 213 -1.06 -31.22 52.88
CA THR G 213 0.10 -30.34 52.76
C THR G 213 1.40 -30.88 53.35
N ARG G 214 1.27 -31.93 54.15
CA ARG G 214 2.40 -32.61 54.77
C ARG G 214 3.42 -33.10 53.78
N ASP G 215 3.02 -33.24 52.51
CA ASP G 215 3.93 -33.73 51.51
C ASP G 215 4.19 -32.74 50.38
N ILE G 216 4.19 -31.45 50.71
CA ILE G 216 4.38 -30.45 49.65
C ILE G 216 5.76 -30.61 49.01
N GLU G 217 6.73 -31.04 49.80
CA GLU G 217 8.07 -31.23 49.28
C GLU G 217 8.03 -32.28 48.21
N LEU G 218 7.31 -33.37 48.51
CA LEU G 218 7.17 -34.43 47.54
C LEU G 218 6.52 -33.85 46.31
N MET G 219 5.49 -33.04 46.52
CA MET G 219 4.79 -32.49 45.39
C MET G 219 5.71 -31.65 44.54
N LYS G 220 6.56 -30.84 45.16
CA LYS G 220 7.47 -30.06 44.35
C LYS G 220 8.46 -30.89 43.58
N ASN G 221 8.95 -31.97 44.18
CA ASN G 221 9.85 -32.80 43.43
C ASN G 221 9.12 -33.47 42.27
N LEU G 222 7.84 -33.80 42.47
CA LEU G 222 7.15 -34.41 41.35
C LEU G 222 6.96 -33.43 40.23
N ILE G 223 6.78 -32.18 40.59
CA ILE G 223 6.63 -31.19 39.55
C ILE G 223 7.93 -31.13 38.80
N SER G 224 9.00 -31.09 39.57
CA SER G 224 10.35 -31.08 39.03
C SER G 224 10.61 -32.33 38.25
N TYR G 225 10.10 -33.46 38.73
CA TYR G 225 10.43 -34.71 38.09
C TYR G 225 9.73 -34.70 36.73
N LEU G 226 8.50 -34.18 36.71
CA LEU G 226 7.72 -34.12 35.48
C LEU G 226 7.93 -32.86 34.62
N ASN G 227 8.59 -31.86 35.19
CA ASN G 227 8.91 -30.58 34.54
C ASN G 227 7.70 -29.70 34.21
N CYS G 228 6.62 -29.85 34.96
CA CYS G 228 5.46 -29.00 34.76
C CYS G 228 4.48 -29.01 35.92
N GLY G 229 3.50 -28.12 35.81
CA GLY G 229 2.40 -27.98 36.74
C GLY G 229 2.58 -26.83 37.70
N ASN G 230 1.45 -26.37 38.23
CA ASN G 230 1.39 -25.37 39.27
C ASN G 230 0.71 -25.84 40.54
N ILE G 231 1.07 -25.23 41.67
CA ILE G 231 0.41 -25.50 42.94
C ILE G 231 -0.80 -24.61 43.24
N ARG G 232 -1.91 -25.23 43.61
CA ARG G 232 -3.11 -24.51 44.01
C ARG G 232 -3.39 -24.95 45.44
N ILE G 233 -3.47 -23.99 46.36
CA ILE G 233 -3.76 -24.30 47.76
C ILE G 233 -5.20 -23.96 48.16
N ARG G 234 -5.94 -24.94 48.68
CA ARG G 234 -7.26 -24.64 49.24
C ARG G 234 -7.28 -24.96 50.73
N THR G 245 -5.59 -28.47 55.51
CA THR G 245 -5.69 -27.78 54.24
C THR G 245 -5.24 -28.72 53.11
N CYS G 246 -5.77 -28.55 51.90
CA CYS G 246 -5.26 -29.34 50.79
C CYS G 246 -4.40 -28.61 49.75
N VAL G 247 -3.51 -29.37 49.12
CA VAL G 247 -2.72 -28.88 47.99
C VAL G 247 -3.08 -29.63 46.71
N ASP G 248 -3.18 -28.92 45.59
CA ASP G 248 -3.31 -29.54 44.29
C ASP G 248 -2.09 -29.28 43.39
N LEU G 249 -1.56 -30.33 42.77
CA LEU G 249 -0.67 -30.21 41.61
C LEU G 249 -1.55 -30.15 40.37
N VAL G 250 -1.49 -29.06 39.61
CA VAL G 250 -2.33 -28.92 38.43
C VAL G 250 -1.55 -28.62 37.14
N VAL G 251 -1.71 -29.47 36.14
CA VAL G 251 -1.16 -29.23 34.82
C VAL G 251 -2.28 -28.90 33.84
N THR G 252 -2.23 -27.69 33.30
CA THR G 252 -3.24 -27.23 32.36
C THR G 252 -2.63 -26.87 31.02
N ASN G 253 -1.32 -26.59 31.02
CA ASN G 253 -0.62 -26.25 29.78
C ASN G 253 -0.69 -27.34 28.75
N LEU G 254 -1.19 -26.98 27.57
CA LEU G 254 -1.45 -27.97 26.55
C LEU G 254 -0.19 -28.67 26.05
N ASN G 255 0.91 -27.96 25.79
CA ASN G 255 2.10 -28.72 25.41
C ASN G 255 3.11 -29.09 26.50
N ASP G 256 2.78 -28.83 27.76
CA ASP G 256 3.40 -29.58 28.85
C ASP G 256 2.73 -30.93 28.88
N ILE G 257 1.43 -30.91 28.65
CA ILE G 257 0.63 -32.12 28.57
C ILE G 257 1.06 -32.95 27.37
N LYS G 258 1.20 -32.27 26.23
CA LYS G 258 1.57 -32.84 24.94
C LYS G 258 2.99 -33.38 24.91
N GLU G 259 3.94 -32.63 25.44
CA GLU G 259 5.34 -33.02 25.23
C GLU G 259 5.98 -33.61 26.48
N LYS G 260 5.26 -33.60 27.60
CA LYS G 260 5.84 -34.14 28.83
C LYS G 260 5.02 -35.24 29.54
N ILE G 261 3.81 -34.93 29.98
CA ILE G 261 2.99 -35.90 30.71
C ILE G 261 2.58 -37.19 29.98
N ILE G 262 1.97 -37.06 28.81
CA ILE G 262 1.54 -38.25 28.07
C ILE G 262 2.74 -39.11 27.65
N PRO G 263 3.85 -38.51 27.15
CA PRO G 263 4.97 -39.42 26.86
C PRO G 263 5.43 -40.15 28.14
N PHE G 264 5.39 -39.43 29.26
CA PHE G 264 5.79 -40.01 30.53
C PHE G 264 4.95 -41.22 30.89
N PHE G 265 3.62 -41.11 30.83
CA PHE G 265 2.85 -42.25 31.31
C PHE G 265 2.74 -43.26 30.17
N ASN G 266 3.25 -42.86 29.00
CA ASN G 266 3.35 -43.75 27.86
C ASN G 266 4.52 -44.69 28.03
N LYS G 267 5.61 -44.24 28.65
CA LYS G 267 6.70 -45.22 28.82
C LYS G 267 6.55 -46.02 30.12
N ASN G 268 6.10 -45.35 31.18
CA ASN G 268 5.85 -45.99 32.48
C ASN G 268 4.34 -45.99 32.76
N HIS G 269 3.69 -47.12 32.49
CA HIS G 269 2.24 -47.21 32.30
C HIS G 269 1.43 -47.05 33.59
N ILE G 270 0.34 -46.28 33.46
CA ILE G 270 -0.67 -46.23 34.50
C ILE G 270 -1.32 -47.61 34.50
N ILE G 271 -1.64 -48.12 35.68
CA ILE G 271 -2.35 -49.40 35.83
C ILE G 271 -3.77 -49.24 36.38
N GLY G 272 -4.60 -50.26 36.22
CA GLY G 272 -5.93 -50.24 36.79
C GLY G 272 -6.98 -49.54 35.95
N VAL G 273 -8.20 -49.44 36.46
CA VAL G 273 -9.33 -48.81 35.78
C VAL G 273 -9.08 -47.39 35.25
N LYS G 274 -8.23 -46.64 35.94
CA LYS G 274 -7.93 -45.28 35.52
C LYS G 274 -7.38 -45.16 34.09
N LEU G 275 -6.87 -46.25 33.50
CA LEU G 275 -6.38 -46.18 32.11
C LEU G 275 -7.45 -45.84 31.16
N GLN G 276 -8.66 -46.34 31.40
CA GLN G 276 -9.63 -45.99 30.41
C GLN G 276 -9.85 -44.49 30.44
N ASP G 277 -9.85 -43.90 31.62
CA ASP G 277 -10.01 -42.45 31.63
C ASP G 277 -8.83 -41.76 30.98
N TYR G 278 -7.64 -42.28 31.27
CA TYR G 278 -6.43 -41.74 30.69
C TYR G 278 -6.55 -41.80 29.18
N ARG G 279 -6.98 -42.94 28.66
CA ARG G 279 -7.07 -43.07 27.22
C ARG G 279 -8.03 -42.03 26.65
N ASP G 280 -9.19 -41.88 27.27
CA ASP G 280 -10.13 -40.88 26.80
C ASP G 280 -9.53 -39.50 26.89
N TRP G 281 -8.83 -39.24 27.98
CA TRP G 281 -8.19 -37.96 28.16
C TRP G 281 -7.21 -37.69 27.02
N CYS G 282 -6.42 -38.70 26.66
CA CYS G 282 -5.51 -38.55 25.53
C CYS G 282 -6.22 -38.19 24.24
N LYS G 283 -7.35 -38.85 24.01
CA LYS G 283 -8.06 -38.63 22.76
C LYS G 283 -8.50 -37.20 22.72
N VAL G 284 -8.99 -36.71 23.85
CA VAL G 284 -9.45 -35.34 23.88
C VAL G 284 -8.28 -34.39 23.70
N VAL G 285 -7.12 -34.72 24.26
CA VAL G 285 -5.98 -33.84 24.04
C VAL G 285 -5.68 -33.73 22.56
N THR G 286 -5.79 -34.84 21.85
CA THR G 286 -5.60 -34.79 20.41
C THR G 286 -6.60 -33.86 19.78
N LEU G 287 -7.88 -34.01 20.13
CA LEU G 287 -8.87 -33.12 19.57
C LEU G 287 -8.54 -31.66 19.84
N ILE G 288 -8.08 -31.35 21.06
CA ILE G 288 -7.72 -29.95 21.30
C ILE G 288 -6.47 -29.60 20.50
N ASP G 289 -5.47 -30.47 20.52
CA ASP G 289 -4.22 -30.21 19.79
C ASP G 289 -4.38 -29.93 18.30
N ASN G 290 -5.38 -30.54 17.66
CA ASN G 290 -5.60 -30.27 16.24
C ASN G 290 -6.72 -29.21 16.12
N LYS G 291 -6.96 -28.51 17.23
CA LYS G 291 -7.87 -27.35 17.29
C LYS G 291 -9.34 -27.65 16.99
N GLU G 292 -9.72 -28.92 17.06
CA GLU G 292 -11.11 -29.33 16.77
C GLU G 292 -12.12 -28.98 17.87
N HIS G 293 -11.63 -28.66 19.06
CA HIS G 293 -12.46 -28.23 20.19
C HIS G 293 -13.08 -26.84 20.07
N LEU G 294 -12.59 -26.04 19.12
CA LEU G 294 -13.05 -24.67 18.91
C LEU G 294 -14.22 -24.51 17.93
N THR G 295 -14.80 -25.64 17.55
CA THR G 295 -15.98 -25.67 16.69
C THR G 295 -17.10 -26.34 17.48
N SER G 296 -18.34 -26.01 17.13
CA SER G 296 -19.50 -26.59 17.80
C SER G 296 -19.52 -28.11 17.72
N GLU G 297 -19.28 -28.66 16.53
CA GLU G 297 -19.32 -30.11 16.40
C GLU G 297 -18.26 -30.75 17.32
N GLY G 298 -17.03 -30.23 17.27
CA GLY G 298 -16.00 -30.76 18.13
C GLY G 298 -16.22 -30.59 19.63
N LEU G 299 -16.73 -29.43 20.03
CA LEU G 299 -17.02 -29.20 21.44
C LEU G 299 -18.10 -30.16 21.92
N GLU G 300 -19.10 -30.38 21.09
CA GLU G 300 -20.11 -31.38 21.40
C GLU G 300 -19.53 -32.79 21.53
N LYS G 301 -18.67 -33.16 20.59
CA LYS G 301 -17.99 -34.45 20.65
C LYS G 301 -17.27 -34.67 21.98
N ILE G 302 -16.43 -33.69 22.32
CA ILE G 302 -15.61 -33.78 23.52
C ILE G 302 -16.55 -33.83 24.73
N GLN G 303 -17.57 -32.97 24.77
CA GLN G 303 -18.55 -33.05 25.85
C GLN G 303 -19.10 -34.46 26.03
N LYS G 304 -19.41 -35.11 24.91
CA LYS G 304 -19.93 -36.47 24.97
C LYS G 304 -18.91 -37.40 25.59
N ILE G 305 -17.64 -37.25 25.21
CA ILE G 305 -16.61 -38.09 25.84
C ILE G 305 -16.39 -37.82 27.33
N LYS G 306 -16.26 -36.54 27.71
CA LYS G 306 -16.07 -36.17 29.10
C LYS G 306 -17.19 -36.71 29.96
N GLU G 307 -18.43 -36.65 29.49
CA GLU G 307 -19.51 -37.13 30.34
C GLU G 307 -19.46 -38.65 30.57
N GLY G 308 -18.75 -39.38 29.71
CA GLY G 308 -18.63 -40.83 29.87
C GLY G 308 -17.32 -41.30 30.46
N MET G 309 -16.50 -40.35 30.89
CA MET G 309 -15.19 -40.62 31.46
C MET G 309 -15.29 -40.40 32.98
N ASN G 310 -14.38 -41.03 33.74
CA ASN G 310 -14.25 -40.81 35.18
C ASN G 310 -15.58 -41.02 35.93
N ARG G 311 -16.07 -40.02 36.66
CA ARG G 311 -17.30 -40.20 37.45
C ARG G 311 -18.55 -40.54 36.65
N GLY G 312 -18.62 -40.14 35.38
CA GLY G 312 -19.80 -40.44 34.61
C GLY G 312 -19.84 -41.83 33.98
N ARG G 313 -18.75 -42.58 34.11
CA ARG G 313 -18.70 -43.94 33.58
C ARG G 313 -19.56 -44.84 34.49
N SER G 314 -19.74 -46.10 34.12
CA SER G 314 -20.61 -47.01 34.85
C SER G 314 -20.00 -48.40 34.98
N ASN J 16 25.35 56.45 -44.72
CA ASN J 16 24.35 56.28 -45.76
C ASN J 16 24.00 54.80 -46.00
N ILE J 17 22.71 54.52 -46.07
CA ILE J 17 22.20 53.16 -46.25
C ILE J 17 22.58 52.64 -47.64
N SER J 18 22.84 51.34 -47.74
CA SER J 18 23.21 50.73 -49.01
C SER J 18 22.00 50.42 -49.92
N PRO J 19 22.20 50.50 -51.26
CA PRO J 19 21.24 50.26 -52.35
C PRO J 19 20.61 48.87 -52.43
N TRP J 20 21.36 47.81 -52.12
CA TRP J 20 20.83 46.45 -52.17
C TRP J 20 19.80 46.23 -51.06
N THR J 21 19.98 46.97 -49.97
CA THR J 21 18.99 46.95 -48.89
C THR J 21 17.70 47.51 -49.47
N ILE J 22 17.83 48.56 -50.26
CA ILE J 22 16.69 49.19 -50.91
C ILE J 22 15.97 48.22 -51.85
N THR J 23 16.74 47.54 -52.69
CA THR J 23 16.11 46.61 -53.63
C THR J 23 15.41 45.45 -52.95
N GLY J 24 16.04 44.87 -51.93
CA GLY J 24 15.42 43.79 -51.17
C GLY J 24 14.14 44.18 -50.45
N PHE J 25 14.22 45.37 -49.88
CA PHE J 25 13.12 45.96 -49.12
C PHE J 25 11.98 46.24 -50.12
N ALA J 26 12.32 46.66 -51.34
CA ALA J 26 11.30 46.87 -52.37
C ALA J 26 10.69 45.54 -52.84
N ASP J 27 11.54 44.53 -52.97
CA ASP J 27 11.12 43.15 -53.24
C ASP J 27 10.05 42.71 -52.26
N GLY J 28 10.19 43.14 -51.01
CA GLY J 28 9.22 42.80 -49.99
C GLY J 28 7.98 43.68 -49.95
N GLU J 29 8.18 44.98 -49.85
CA GLU J 29 7.08 45.88 -49.48
C GLU J 29 6.58 46.83 -50.57
N SER J 30 7.20 46.85 -51.75
CA SER J 30 6.83 47.89 -52.73
C SER J 30 5.73 47.43 -53.67
N SER J 31 5.14 48.38 -54.40
CA SER J 31 4.17 48.09 -55.46
C SER J 31 4.40 48.99 -56.68
N PHE J 32 4.35 48.38 -57.87
CA PHE J 32 4.35 49.10 -59.15
C PHE J 32 2.93 49.11 -59.70
N MET J 33 2.42 50.27 -60.05
CA MET J 33 1.00 50.39 -60.38
C MET J 33 0.75 51.21 -61.63
N LEU J 34 -0.33 50.86 -62.32
CA LEU J 34 -0.82 51.64 -63.44
C LEU J 34 -2.29 51.92 -63.19
N THR J 35 -2.63 53.20 -63.08
CA THR J 35 -4.01 53.62 -62.91
C THR J 35 -4.56 54.03 -64.27
N VAL J 36 -5.68 53.40 -64.62
CA VAL J 36 -6.43 53.69 -65.83
C VAL J 36 -7.85 54.11 -65.42
N SER J 37 -8.07 55.42 -65.51
CA SER J 37 -9.28 56.09 -65.04
C SER J 37 -10.08 56.73 -66.18
N LYS J 38 -11.40 56.57 -66.15
CA LYS J 38 -12.28 57.19 -67.14
C LYS J 38 -12.21 58.71 -67.23
N ASP J 39 -12.09 59.20 -68.46
CA ASP J 39 -11.95 60.63 -68.72
C ASP J 39 -12.57 60.95 -70.09
N LYS J 41 -12.90 64.30 -71.61
CA LYS J 41 -11.98 65.43 -71.68
C LYS J 41 -10.66 65.03 -72.35
N ARG J 42 -10.61 63.82 -72.89
CA ARG J 42 -9.42 63.33 -73.60
C ARG J 42 -9.86 62.62 -74.88
N ASN J 43 -8.98 62.64 -75.88
CA ASN J 43 -9.32 62.04 -77.16
C ASN J 43 -9.48 60.52 -77.10
N THR J 44 -8.71 59.86 -76.24
CA THR J 44 -8.86 58.42 -76.10
C THR J 44 -9.98 58.02 -75.12
N GLY J 45 -10.40 58.98 -74.30
CA GLY J 45 -11.40 58.73 -73.28
C GLY J 45 -10.88 58.19 -71.96
N TRP J 46 -9.57 57.99 -71.86
CA TRP J 46 -9.02 57.41 -70.65
C TRP J 46 -7.77 58.15 -70.20
N SER J 47 -7.55 58.22 -68.90
CA SER J 47 -6.35 58.78 -68.31
C SER J 47 -5.52 57.62 -67.78
N VAL J 48 -4.25 57.59 -68.15
CA VAL J 48 -3.32 56.56 -67.74
C VAL J 48 -2.10 57.14 -67.04
N ARG J 49 -1.77 56.59 -65.88
CA ARG J 49 -0.62 57.07 -65.14
C ARG J 49 0.07 55.98 -64.35
N PRO J 50 1.40 56.04 -64.32
CA PRO J 50 2.20 55.08 -63.57
C PRO J 50 2.51 55.59 -62.15
N ARG J 51 2.66 54.65 -61.23
CA ARG J 51 3.00 54.95 -59.84
C ARG J 51 3.96 53.91 -59.33
N PHE J 52 4.90 54.34 -58.52
CA PHE J 52 5.70 53.42 -57.73
C PHE J 52 5.63 53.80 -56.27
N ARG J 53 5.43 52.83 -55.39
CA ARG J 53 5.19 53.19 -53.99
C ARG J 53 5.74 52.14 -53.05
N ILE J 54 6.21 52.61 -51.90
CA ILE J 54 6.55 51.72 -50.82
C ILE J 54 5.77 52.14 -49.59
N GLY J 55 5.09 51.18 -48.97
CA GLY J 55 4.30 51.47 -47.79
C GLY J 55 4.55 50.62 -46.56
N LEU J 56 4.71 51.29 -45.43
CA LEU J 56 5.10 50.65 -44.17
C LEU J 56 4.22 51.27 -43.10
N HIS J 57 4.25 50.68 -41.90
CA HIS J 57 3.65 51.29 -40.73
C HIS J 57 4.26 52.66 -40.40
N ASN J 58 3.41 53.54 -39.88
CA ASN J 58 3.78 54.89 -39.44
C ASN J 58 5.07 54.96 -38.62
N LYS J 59 5.35 53.91 -37.85
CA LYS J 59 6.52 53.88 -36.98
C LYS J 59 7.89 53.92 -37.67
N ASP J 60 7.93 53.66 -38.98
CA ASP J 60 9.23 53.55 -39.69
C ASP J 60 9.55 54.63 -40.72
N VAL J 61 8.97 55.82 -40.56
CA VAL J 61 9.33 56.96 -41.39
C VAL J 61 10.81 57.25 -41.51
N THR J 62 11.57 57.03 -40.43
CA THR J 62 12.98 57.32 -40.53
C THR J 62 13.67 56.54 -41.65
N ILE J 63 13.24 55.30 -41.86
CA ILE J 63 13.82 54.54 -42.96
C ILE J 63 13.52 55.19 -44.28
N LEU J 64 12.27 55.61 -44.46
CA LEU J 64 11.91 56.22 -45.71
C LEU J 64 12.70 57.50 -45.89
N LYS J 65 12.90 58.25 -44.81
CA LYS J 65 13.65 59.48 -45.00
C LYS J 65 15.06 59.20 -45.45
N SER J 66 15.67 58.15 -44.91
CA SER J 66 17.01 57.83 -45.34
C SER J 66 17.08 57.39 -46.81
N ILE J 67 16.13 56.52 -47.21
CA ILE J 67 16.08 56.03 -48.58
C ILE J 67 15.81 57.18 -49.54
N ARG J 68 14.86 58.02 -49.19
CA ARG J 68 14.53 59.19 -49.99
C ARG J 68 15.79 60.04 -50.14
N GLU J 69 16.55 60.17 -49.06
CA GLU J 69 17.75 61.00 -49.04
C GLU J 69 18.73 60.38 -50.00
N TYR J 70 18.76 59.06 -50.06
CA TYR J 70 19.62 58.36 -50.99
C TYR J 70 19.27 58.69 -52.44
N LEU J 71 18.01 58.61 -52.84
CA LEU J 71 17.71 58.69 -54.26
C LEU J 71 17.56 60.14 -54.69
N GLY J 72 17.31 61.03 -53.75
CA GLY J 72 17.07 62.42 -54.08
C GLY J 72 15.73 62.61 -54.74
N ALA J 73 14.78 61.75 -54.36
CA ALA J 73 13.46 61.73 -54.98
C ALA J 73 12.48 60.98 -54.09
N GLY J 74 11.19 61.20 -54.32
CA GLY J 74 10.16 60.55 -53.54
C GLY J 74 9.38 61.49 -52.63
N ILE J 75 8.08 61.24 -52.50
CA ILE J 75 7.25 62.08 -51.64
C ILE J 75 6.80 61.25 -50.46
N ILE J 76 7.11 61.73 -49.26
CA ILE J 76 6.79 61.01 -48.04
C ILE J 76 5.52 61.55 -47.38
N THR J 77 4.66 60.62 -46.97
CA THR J 77 3.44 60.89 -46.24
C THR J 77 3.31 59.96 -45.05
N SER J 78 2.59 60.43 -44.04
CA SER J 78 2.32 59.66 -42.83
C SER J 78 0.87 59.92 -42.43
N ASP J 79 0.06 58.87 -42.46
CA ASP J 79 -1.33 59.00 -42.04
C ASP J 79 -1.79 57.73 -41.31
N ILE J 80 -2.59 56.89 -41.95
CA ILE J 80 -2.96 55.63 -41.32
C ILE J 80 -1.76 54.70 -41.50
N ASP J 81 -0.94 55.05 -42.48
CA ASP J 81 0.37 54.42 -42.65
C ASP J 81 1.41 55.40 -43.16
N ALA J 82 2.65 54.95 -43.31
CA ALA J 82 3.67 55.82 -43.86
C ALA J 82 4.06 55.32 -45.24
N ARG J 83 4.09 56.22 -46.22
CA ARG J 83 4.39 55.82 -47.59
C ARG J 83 5.33 56.79 -48.25
N ILE J 84 6.18 56.23 -49.09
CA ILE J 84 6.88 57.06 -50.05
C ILE J 84 6.41 56.68 -51.45
N ARG J 85 6.11 57.73 -52.22
CA ARG J 85 5.54 57.55 -53.55
C ARG J 85 6.33 58.29 -54.59
N PHE J 86 6.32 57.72 -55.79
CA PHE J 86 6.98 58.22 -56.97
C PHE J 86 5.93 58.24 -58.07
N GLU J 87 5.58 59.43 -58.54
CA GLU J 87 4.46 59.58 -59.47
C GLU J 87 4.82 60.45 -60.69
N SER J 88 5.79 61.34 -60.53
CA SER J 88 6.26 62.19 -61.63
C SER J 88 7.20 61.44 -62.57
N LEU J 89 7.29 61.89 -63.83
CA LEU J 89 8.14 61.17 -64.79
C LEU J 89 9.61 61.12 -64.40
N LYS J 90 10.12 62.22 -63.85
CA LYS J 90 11.50 62.30 -63.37
C LYS J 90 11.81 61.32 -62.23
N GLU J 91 10.88 61.25 -61.29
CA GLU J 91 11.06 60.37 -60.14
C GLU J 91 10.98 58.91 -60.55
N LEU J 92 10.04 58.57 -61.41
CA LEU J 92 10.00 57.17 -61.78
C LEU J 92 11.22 56.85 -62.59
N GLU J 93 11.73 57.81 -63.37
CA GLU J 93 12.96 57.57 -64.11
C GLU J 93 14.16 57.28 -63.17
N VAL J 94 14.28 58.03 -62.07
CA VAL J 94 15.36 57.76 -61.08
C VAL J 94 15.17 56.34 -60.50
N VAL J 95 13.91 55.98 -60.24
CA VAL J 95 13.56 54.66 -59.72
C VAL J 95 13.99 53.59 -60.72
N ILE J 96 13.68 53.79 -61.98
CA ILE J 96 14.03 52.84 -63.03
C ILE J 96 15.55 52.69 -63.15
N ASN J 97 16.29 53.79 -63.06
CA ASN J 97 17.74 53.69 -63.14
C ASN J 97 18.25 52.83 -61.98
N HIS J 98 17.65 53.03 -60.81
CA HIS J 98 18.02 52.26 -59.63
C HIS J 98 17.73 50.76 -59.76
N PHE J 99 16.51 50.38 -60.13
CA PHE J 99 16.20 48.97 -60.13
C PHE J 99 16.87 48.28 -61.33
N ASP J 100 17.18 49.05 -62.36
CA ASP J 100 18.01 48.53 -63.45
C ASP J 100 19.44 48.27 -63.01
N LYS J 101 19.94 49.11 -62.10
CA LYS J 101 21.31 48.99 -61.63
C LYS J 101 21.41 48.00 -60.48
N TYR J 102 20.39 48.01 -59.62
CA TYR J 102 20.35 47.15 -58.44
C TYR J 102 19.04 46.36 -58.50
N PRO J 103 18.98 45.33 -59.37
CA PRO J 103 17.70 44.70 -59.73
C PRO J 103 16.97 43.89 -58.66
N LEU J 104 15.64 44.00 -58.66
CA LEU J 104 14.78 43.13 -57.86
C LEU J 104 14.97 41.69 -58.26
N ILE J 105 14.75 40.78 -57.32
CA ILE J 105 14.94 39.39 -57.68
C ILE J 105 13.77 38.47 -57.30
N THR J 106 12.75 38.99 -56.61
CA THR J 106 11.53 38.21 -56.46
C THR J 106 10.64 38.34 -57.71
N GLN J 107 9.49 37.68 -57.69
CA GLN J 107 8.54 37.76 -58.81
C GLN J 107 8.00 39.17 -59.12
N LYS J 108 8.15 40.09 -58.18
CA LYS J 108 7.74 41.48 -58.43
C LYS J 108 8.54 42.11 -59.56
N ARG J 109 9.69 41.54 -59.86
CA ARG J 109 10.47 41.93 -61.03
C ARG J 109 9.65 41.83 -62.31
N ALA J 110 8.80 40.82 -62.38
CA ALA J 110 8.00 40.64 -63.57
C ALA J 110 6.98 41.79 -63.63
N ASP J 111 6.45 42.17 -62.47
CA ASP J 111 5.54 43.30 -62.46
C ASP J 111 6.26 44.54 -62.90
N TYR J 112 7.50 44.64 -62.43
CA TYR J 112 8.34 45.77 -62.73
C TYR J 112 8.54 45.88 -64.22
N LEU J 113 8.73 44.74 -64.86
CA LEU J 113 9.07 44.78 -66.26
C LEU J 113 7.89 45.27 -67.07
N LEU J 114 6.69 44.85 -66.69
CA LEU J 114 5.50 45.34 -67.36
C LEU J 114 5.41 46.84 -67.15
N PHE J 115 5.59 47.24 -65.90
CA PHE J 115 5.57 48.64 -65.56
C PHE J 115 6.54 49.46 -66.34
N LYS J 116 7.74 48.95 -66.53
CA LYS J 116 8.71 49.81 -67.17
C LYS J 116 8.34 50.06 -68.61
N LYS J 117 7.79 49.05 -69.28
CA LYS J 117 7.39 49.27 -70.66
C LYS J 117 6.29 50.31 -70.79
N ALA J 118 5.32 50.26 -69.88
CA ALA J 118 4.22 51.21 -69.96
C ALA J 118 4.75 52.61 -69.75
N PHE J 119 5.65 52.71 -68.79
CA PHE J 119 6.23 54.00 -68.47
C PHE J 119 6.90 54.65 -69.64
N TYR J 120 7.61 53.86 -70.44
CA TYR J 120 8.33 54.44 -71.55
C TYR J 120 7.33 54.98 -72.57
N LEU J 121 6.28 54.19 -72.84
CA LEU J 121 5.18 54.59 -73.71
C LEU J 121 4.65 55.93 -73.20
N ILE J 122 4.53 56.05 -71.88
CA ILE J 122 4.01 57.25 -71.26
C ILE J 122 5.04 58.38 -71.46
N LYS J 123 6.33 58.09 -71.27
CA LYS J 123 7.38 59.11 -71.48
C LYS J 123 7.30 59.71 -72.89
N ASN J 124 6.97 58.88 -73.87
CA ASN J 124 6.91 59.28 -75.27
C ASN J 124 5.54 59.79 -75.69
N LYS J 125 4.63 59.88 -74.72
CA LYS J 125 3.30 60.45 -74.93
C LYS J 125 2.48 59.61 -75.91
N GLU J 126 2.93 58.37 -76.11
CA GLU J 126 2.25 57.37 -76.94
C GLU J 126 0.96 56.86 -76.32
N HIS J 127 0.78 57.12 -75.04
CA HIS J 127 -0.42 56.74 -74.31
C HIS J 127 -1.67 57.55 -74.72
N LEU J 128 -1.46 58.60 -75.50
CA LEU J 128 -2.55 59.50 -75.90
C LEU J 128 -3.21 59.04 -77.21
N THR J 129 -2.87 57.83 -77.66
CA THR J 129 -3.44 57.24 -78.86
C THR J 129 -4.27 56.03 -78.44
N GLU J 130 -5.24 55.65 -79.27
CA GLU J 130 -5.98 54.41 -79.03
C GLU J 130 -5.07 53.18 -79.01
N GLU J 131 -4.08 53.15 -79.90
CA GLU J 131 -3.18 52.02 -80.00
C GLU J 131 -2.36 51.90 -78.73
N GLY J 132 -1.76 53.01 -78.33
CA GLY J 132 -0.93 53.04 -77.15
C GLY J 132 -1.73 52.76 -75.89
N LEU J 133 -2.94 53.30 -75.84
CA LEU J 133 -3.79 53.05 -74.69
C LEU J 133 -4.03 51.55 -74.59
N ASN J 134 -4.41 50.93 -75.71
CA ASN J 134 -4.61 49.49 -75.68
C ASN J 134 -3.38 48.66 -75.29
N GLN J 135 -2.18 49.06 -75.72
CA GLN J 135 -1.01 48.23 -75.36
C GLN J 135 -0.74 48.36 -73.87
N ILE J 136 -0.90 49.58 -73.37
CA ILE J 136 -0.72 49.85 -71.96
C ILE J 136 -1.69 48.97 -71.21
N LEU J 137 -2.92 48.89 -71.71
CA LEU J 137 -3.92 48.01 -71.12
C LEU J 137 -3.47 46.55 -71.14
N THR J 138 -2.78 46.13 -72.21
CA THR J 138 -2.25 44.76 -72.23
C THR J 138 -1.23 44.55 -71.11
N LEU J 139 -0.45 45.59 -70.80
CA LEU J 139 0.51 45.48 -69.69
C LEU J 139 -0.20 45.41 -68.34
N LYS J 140 -1.18 46.30 -68.14
CA LYS J 140 -1.93 46.32 -66.89
C LYS J 140 -2.66 44.99 -66.68
N ALA J 141 -3.08 44.34 -67.76
CA ALA J 141 -3.82 43.08 -67.60
C ALA J 141 -3.00 42.02 -66.88
N SER J 142 -1.68 42.05 -67.05
CA SER J 142 -0.81 41.05 -66.42
C SER J 142 -0.09 41.61 -65.19
N LEU J 143 -0.31 42.90 -64.90
CA LEU J 143 0.36 43.56 -63.79
C LEU J 143 -0.51 43.46 -62.54
N ASN J 144 0.09 42.94 -61.47
CA ASN J 144 -0.59 42.71 -60.19
C ASN J 144 -1.92 42.00 -60.40
N LEU J 145 -3.00 42.69 -60.01
CA LEU J 145 -4.32 42.10 -59.97
C LEU J 145 -5.02 42.15 -61.33
N GLY J 146 -4.34 42.73 -62.31
CA GLY J 146 -4.89 42.74 -63.66
C GLY J 146 -5.97 43.78 -63.84
N LEU J 147 -6.81 43.58 -64.84
CA LEU J 147 -7.81 44.58 -65.18
C LEU J 147 -9.02 44.40 -64.28
N SER J 148 -9.54 45.53 -63.80
CA SER J 148 -10.81 45.53 -63.08
C SER J 148 -11.98 45.16 -63.98
N GLU J 149 -13.10 44.83 -63.33
CA GLU J 149 -14.35 44.54 -64.03
C GLU J 149 -14.79 45.68 -64.94
N GLU J 150 -14.71 46.93 -64.49
CA GLU J 150 -15.09 48.05 -65.34
C GLU J 150 -14.25 48.08 -66.62
N LEU J 151 -12.95 47.88 -66.46
CA LEU J 151 -12.03 47.87 -67.59
C LEU J 151 -12.23 46.61 -68.43
N LYS J 152 -12.54 45.49 -67.78
CA LYS J 152 -12.88 44.27 -68.50
C LYS J 152 -14.10 44.52 -69.40
N GLU J 153 -15.08 45.23 -68.85
CA GLU J 153 -16.30 45.59 -69.55
C GLU J 153 -16.01 46.52 -70.72
N ALA J 154 -15.08 47.44 -70.52
CA ALA J 154 -14.77 48.44 -71.54
C ALA J 154 -13.86 47.91 -72.66
N PHE J 155 -13.01 46.93 -72.38
CA PHE J 155 -12.09 46.45 -73.41
C PHE J 155 -12.08 44.91 -73.55
N PRO J 156 -13.21 44.31 -73.94
CA PRO J 156 -13.34 42.85 -73.99
C PRO J 156 -12.36 42.25 -75.01
N ASN J 157 -12.29 40.92 -75.13
CA ASN J 157 -11.35 40.27 -76.05
C ASN J 157 -9.92 40.78 -75.86
N THR J 158 -9.66 41.28 -74.66
CA THR J 158 -8.37 41.83 -74.26
C THR J 158 -7.30 40.76 -74.08
N ILE J 159 -6.21 40.87 -74.82
CA ILE J 159 -5.13 39.93 -74.57
C ILE J 159 -3.97 40.47 -73.72
N PRO J 160 -3.77 39.85 -72.55
CA PRO J 160 -2.79 40.24 -71.53
C PRO J 160 -1.35 40.14 -72.04
N ALA J 161 -0.50 41.14 -71.79
CA ALA J 161 0.88 41.08 -72.25
C ALA J 161 1.56 39.86 -71.59
N GLU J 162 2.60 39.32 -72.22
CA GLU J 162 3.30 38.17 -71.66
C GLU J 162 4.00 38.53 -70.35
N GLN J 169 17.23 32.32 -60.14
CA GLN J 169 18.03 33.49 -59.82
C GLN J 169 18.43 33.52 -58.34
N GLU J 170 19.72 33.77 -58.14
CA GLU J 170 20.43 33.88 -56.87
C GLU J 170 20.42 35.24 -56.16
N ILE J 171 20.52 35.14 -54.84
CA ILE J 171 20.72 36.27 -53.92
C ILE J 171 22.01 37.05 -54.13
N PRO J 172 21.86 38.33 -54.54
CA PRO J 172 22.94 39.23 -54.96
C PRO J 172 23.82 39.76 -53.83
N ASP J 173 23.32 39.82 -52.60
CA ASP J 173 24.03 40.47 -51.49
C ASP J 173 23.38 40.29 -50.12
N SER J 174 24.21 40.20 -49.08
CA SER J 174 23.71 40.04 -47.72
C SER J 174 22.81 41.20 -47.29
N ASN J 175 23.15 42.40 -47.77
CA ASN J 175 22.38 43.57 -47.42
C ASN J 175 21.02 43.58 -48.11
N TRP J 176 20.95 42.88 -49.22
CA TRP J 176 19.68 42.65 -49.90
C TRP J 176 18.76 41.87 -48.96
N VAL J 177 19.35 40.82 -48.37
CA VAL J 177 18.69 39.93 -47.42
C VAL J 177 18.25 40.74 -46.22
N ALA J 178 19.10 41.65 -45.78
CA ALA J 178 18.75 42.49 -44.65
C ALA J 178 17.49 43.30 -44.98
N GLY J 179 17.41 43.85 -46.19
CA GLY J 179 16.21 44.59 -46.53
C GLY J 179 14.97 43.70 -46.63
N PHE J 180 15.11 42.55 -47.30
CA PHE J 180 13.99 41.62 -47.45
C PHE J 180 13.48 41.10 -46.10
N THR J 181 14.37 40.77 -45.17
CA THR J 181 13.93 40.24 -43.89
C THR J 181 13.33 41.40 -43.11
N ALA J 182 13.86 42.61 -43.33
CA ALA J 182 13.29 43.75 -42.65
C ALA J 182 11.84 43.96 -43.11
N GLY J 183 11.50 43.54 -44.33
CA GLY J 183 10.09 43.62 -44.74
C GLY J 183 9.27 42.40 -44.34
N GLU J 184 9.76 41.23 -44.76
CA GLU J 184 9.07 39.94 -44.72
C GLU J 184 9.56 38.95 -43.67
N GLY J 185 10.62 39.29 -42.94
CA GLY J 185 11.22 38.31 -42.06
C GLY J 185 10.46 38.33 -40.75
N SER J 186 10.65 37.28 -39.95
CA SER J 186 10.06 37.22 -38.63
C SER J 186 10.99 36.53 -37.65
N PHE J 187 11.19 37.19 -36.51
CA PHE J 187 11.93 36.63 -35.40
C PHE J 187 10.99 36.39 -34.24
N TYR J 188 10.59 35.14 -33.97
CA TYR J 188 9.65 34.96 -32.87
C TYR J 188 10.03 33.81 -31.95
N ILE J 189 9.49 33.85 -30.74
CA ILE J 189 9.72 32.80 -29.76
C ILE J 189 8.47 31.96 -29.73
N ARG J 190 8.65 30.68 -30.02
CA ARG J 190 7.56 29.72 -30.06
C ARG J 190 7.52 28.98 -28.73
N ILE J 191 6.35 29.03 -28.11
CA ILE J 191 6.08 28.33 -26.85
C ILE J 191 5.00 27.28 -27.00
N ALA J 192 5.36 26.04 -26.68
CA ALA J 192 4.43 24.93 -26.84
C ALA J 192 4.06 24.27 -25.52
N LYS J 193 2.75 24.15 -25.30
CA LYS J 193 2.29 23.43 -24.13
C LYS J 193 2.73 21.99 -24.26
N ASN J 194 3.46 21.51 -23.24
CA ASN J 194 4.06 20.20 -23.34
C ASN J 194 4.41 19.56 -21.97
N SER J 195 3.62 18.55 -21.63
CA SER J 195 3.69 17.90 -20.33
C SER J 195 4.98 17.11 -20.13
N THR J 196 5.63 16.71 -21.22
CA THR J 196 6.88 15.94 -21.09
C THR J 196 8.07 16.79 -20.66
N LEU J 197 7.86 18.10 -20.50
CA LEU J 197 8.90 18.96 -19.95
C LEU J 197 8.69 19.40 -18.51
N LYS J 198 9.81 19.54 -17.80
CA LYS J 198 9.76 19.86 -16.38
C LYS J 198 9.01 21.16 -16.14
N THR J 199 9.27 22.18 -16.97
CA THR J 199 8.60 23.47 -16.83
C THR J 199 7.17 23.40 -17.36
N GLY J 200 6.88 22.34 -18.12
CA GLY J 200 5.58 22.21 -18.77
C GLY J 200 5.43 22.79 -20.16
N TYR J 201 6.51 23.39 -20.69
CA TYR J 201 6.50 24.04 -22.01
C TYR J 201 7.82 23.85 -22.75
N GLN J 202 7.75 23.55 -24.06
CA GLN J 202 8.93 23.67 -24.90
C GLN J 202 9.10 25.12 -25.32
N VAL J 203 10.35 25.57 -25.35
CA VAL J 203 10.72 26.89 -25.82
C VAL J 203 11.63 26.79 -27.04
N GLN J 204 11.27 27.50 -28.10
CA GLN J 204 12.01 27.45 -29.34
C GLN J 204 12.22 28.86 -29.89
N SER J 205 13.44 29.15 -30.36
CA SER J 205 13.65 30.41 -31.07
C SER J 205 13.48 30.14 -32.56
N VAL J 206 12.70 30.98 -33.23
CA VAL J 206 12.34 30.73 -34.63
C VAL J 206 12.67 31.92 -35.54
N PHE J 207 13.30 31.62 -36.67
CA PHE J 207 13.46 32.62 -37.73
C PHE J 207 12.66 32.15 -38.92
N GLN J 208 11.96 33.06 -39.58
CA GLN J 208 11.03 32.63 -40.61
C GLN J 208 10.97 33.67 -41.71
N ILE J 209 10.80 33.22 -42.95
CA ILE J 209 10.47 34.12 -44.04
C ILE J 209 9.30 33.51 -44.80
N THR J 210 8.30 34.32 -45.11
CA THR J 210 7.08 33.82 -45.73
C THR J 210 6.99 34.40 -47.15
N GLN J 211 6.55 33.58 -48.10
CA GLN J 211 6.40 34.02 -49.48
C GLN J 211 5.47 33.13 -50.31
N ASP J 212 4.78 33.74 -51.28
CA ASP J 212 3.91 32.99 -52.17
C ASP J 212 4.77 31.96 -52.87
N THR J 213 4.16 30.84 -53.24
CA THR J 213 4.92 29.74 -53.77
C THR J 213 5.63 30.01 -55.11
N ARG J 214 5.27 31.08 -55.82
CA ARG J 214 5.99 31.34 -57.08
C ARG J 214 7.50 31.51 -56.95
N ASP J 215 8.00 31.78 -55.76
CA ASP J 215 9.43 31.98 -55.56
C ASP J 215 10.02 30.94 -54.64
N ILE J 216 9.52 29.70 -54.68
CA ILE J 216 10.09 28.72 -53.74
C ILE J 216 11.57 28.54 -54.05
N GLU J 217 11.88 28.67 -55.34
CA GLU J 217 13.24 28.54 -55.82
C GLU J 217 14.16 29.61 -55.23
N LEU J 218 13.69 30.85 -55.21
CA LEU J 218 14.51 31.91 -54.63
C LEU J 218 14.80 31.59 -53.17
N MET J 219 13.78 31.16 -52.47
CA MET J 219 13.93 30.85 -51.06
C MET J 219 14.94 29.74 -50.86
N LYS J 220 14.91 28.75 -51.74
CA LYS J 220 15.88 27.69 -51.59
C LYS J 220 17.30 28.17 -51.77
N ASN J 221 17.54 29.11 -52.69
CA ASN J 221 18.90 29.60 -52.79
C ASN J 221 19.34 30.38 -51.58
N LEU J 222 18.39 31.08 -50.99
CA LEU J 222 18.66 31.86 -49.79
C LEU J 222 18.96 30.91 -48.63
N ILE J 223 18.34 29.72 -48.65
CA ILE J 223 18.65 28.75 -47.59
C ILE J 223 20.12 28.37 -47.71
N SER J 224 20.56 28.12 -48.94
CA SER J 224 21.96 27.80 -49.22
C SER J 224 22.82 29.00 -48.86
N TYR J 225 22.30 30.20 -49.09
CA TYR J 225 23.08 31.40 -48.90
C TYR J 225 23.26 31.48 -47.39
N LEU J 226 22.22 31.15 -46.64
CA LEU J 226 22.32 31.19 -45.17
C LEU J 226 22.84 29.89 -44.55
N ASN J 227 22.88 28.83 -45.35
CA ASN J 227 23.36 27.47 -44.98
C ASN J 227 22.52 26.78 -43.92
N CYS J 228 21.24 27.13 -43.84
CA CYS J 228 20.34 26.46 -42.91
C CYS J 228 18.88 26.75 -43.23
N GLY J 229 18.01 26.04 -42.50
CA GLY J 229 16.58 26.20 -42.58
C GLY J 229 15.90 25.13 -43.41
N ASN J 230 14.62 24.93 -43.13
CA ASN J 230 13.76 24.05 -43.90
C ASN J 230 12.54 24.70 -44.55
N ILE J 231 12.05 24.09 -45.61
CA ILE J 231 10.82 24.54 -46.25
C ILE J 231 9.55 23.88 -45.69
N ARG J 232 8.57 24.70 -45.33
CA ARG J 232 7.26 24.27 -44.85
C ARG J 232 6.21 24.82 -45.81
N ILE J 233 5.36 23.97 -46.37
CA ILE J 233 4.31 24.44 -47.28
C ILE J 233 2.92 24.45 -46.64
N ARG J 234 2.27 25.61 -46.65
CA ARG J 234 0.88 25.68 -46.21
C ARG J 234 -0.01 26.09 -47.38
N THR J 245 -1.51 29.62 -52.44
CA THR J 245 -0.91 28.90 -51.33
C THR J 245 0.41 29.58 -50.91
N CYS J 246 0.78 29.46 -49.64
CA CYS J 246 2.09 29.95 -49.18
C CYS J 246 3.20 28.96 -48.81
N VAL J 247 4.44 29.45 -48.94
CA VAL J 247 5.65 28.74 -48.49
C VAL J 247 6.36 29.48 -47.36
N ASP J 248 6.83 28.73 -46.38
CA ASP J 248 7.69 29.27 -45.33
C ASP J 248 9.12 28.71 -45.35
N LEU J 249 10.11 29.60 -45.28
CA LEU J 249 11.47 29.25 -44.90
C LEU J 249 11.59 29.30 -43.36
N VAL J 250 11.93 28.19 -42.72
CA VAL J 250 12.01 28.14 -41.26
C VAL J 250 13.32 27.64 -40.64
N VAL J 251 13.95 28.46 -39.79
CA VAL J 251 15.12 28.03 -39.02
C VAL J 251 14.74 27.90 -37.54
N THR J 252 14.85 26.68 -37.01
CA THR J 252 14.51 26.39 -35.61
C THR J 252 15.72 25.87 -34.86
N ASN J 253 16.68 25.34 -35.60
CA ASN J 253 17.89 24.82 -34.99
C ASN J 253 18.67 25.84 -34.21
N LEU J 254 18.90 25.51 -32.94
CA LEU J 254 19.51 26.43 -32.00
C LEU J 254 20.92 26.78 -32.38
N ASN J 255 21.76 25.84 -32.79
CA ASN J 255 23.06 26.35 -33.20
C ASN J 255 23.24 26.67 -34.69
N ASP J 256 22.17 26.59 -35.47
CA ASP J 256 22.11 27.34 -36.72
C ASP J 256 21.78 28.78 -36.44
N ILE J 257 20.87 28.98 -35.49
CA ILE J 257 20.49 30.31 -35.07
C ILE J 257 21.66 31.02 -34.41
N LYS J 258 22.30 30.29 -33.48
CA LYS J 258 23.42 30.78 -32.70
C LYS J 258 24.66 31.03 -33.54
N GLU J 259 24.98 30.10 -34.44
CA GLU J 259 26.27 30.20 -35.09
C GLU J 259 26.18 30.69 -36.53
N LYS J 260 24.97 30.85 -37.06
CA LYS J 260 24.83 31.31 -38.45
C LYS J 260 23.96 32.56 -38.65
N ILE J 261 22.67 32.47 -38.31
CA ILE J 261 21.72 33.56 -38.52
C ILE J 261 21.97 34.88 -37.76
N ILE J 262 22.15 34.80 -36.45
CA ILE J 262 22.39 35.99 -35.64
C ILE J 262 23.70 36.68 -36.05
N PRO J 263 24.80 35.93 -36.29
CA PRO J 263 25.97 36.67 -36.76
C PRO J 263 25.70 37.39 -38.08
N PHE J 264 24.90 36.74 -38.95
CA PHE J 264 24.55 37.30 -40.24
C PHE J 264 23.83 38.62 -40.07
N PHE J 265 22.81 38.68 -39.23
CA PHE J 265 22.06 39.94 -39.18
C PHE J 265 22.78 40.90 -38.25
N ASN J 266 23.82 40.39 -37.59
CA ASN J 266 24.68 41.25 -36.79
C ASN J 266 25.66 42.04 -37.65
N LYS J 267 26.17 41.47 -38.74
CA LYS J 267 27.07 42.29 -39.55
C LYS J 267 26.31 43.10 -40.61
N ASN J 268 25.28 42.50 -41.19
CA ASN J 268 24.43 43.14 -42.18
C ASN J 268 23.03 43.34 -41.58
N HIS J 269 22.81 44.55 -41.09
CA HIS J 269 21.76 44.89 -40.13
C HIS J 269 20.34 44.94 -40.69
N ILE J 270 19.41 44.37 -39.93
CA ILE J 270 17.99 44.57 -40.19
C ILE J 270 17.74 46.05 -39.85
N ILE J 271 16.88 46.70 -40.63
CA ILE J 271 16.48 48.09 -40.39
C ILE J 271 15.00 48.17 -39.97
N GLY J 272 14.61 49.30 -39.39
CA GLY J 272 13.23 49.54 -39.01
C GLY J 272 12.83 49.00 -37.65
N VAL J 273 11.56 49.13 -37.28
CA VAL J 273 11.08 48.68 -35.96
C VAL J 273 11.43 47.24 -35.60
N LYS J 274 11.55 46.38 -36.61
CA LYS J 274 11.88 44.98 -36.41
C LYS J 274 13.20 44.73 -35.68
N LEU J 275 14.11 45.72 -35.64
CA LEU J 275 15.34 45.51 -34.89
C LEU J 275 15.06 45.28 -33.46
N GLN J 276 14.07 46.00 -32.94
CA GLN J 276 13.80 45.80 -31.54
C GLN J 276 13.26 44.43 -31.30
N ASP J 277 12.43 43.94 -32.22
CA ASP J 277 11.94 42.58 -32.04
C ASP J 277 13.08 41.60 -32.16
N TYR J 278 13.95 41.86 -33.12
CA TYR J 278 15.13 41.05 -33.34
C TYR J 278 15.94 41.04 -32.07
N ARG J 279 16.13 42.22 -31.50
CA ARG J 279 16.91 42.33 -30.30
C ARG J 279 16.33 41.50 -29.17
N ASP J 280 15.02 41.61 -28.95
CA ASP J 280 14.41 40.80 -27.91
C ASP J 280 14.60 39.32 -28.20
N TRP J 281 14.40 38.97 -29.46
CA TRP J 281 14.58 37.61 -29.92
C TRP J 281 16.00 37.13 -29.64
N CYS J 282 16.96 38.00 -29.94
CA CYS J 282 18.35 37.70 -29.65
C CYS J 282 18.58 37.39 -28.18
N LYS J 283 17.94 38.20 -27.33
CA LYS J 283 18.12 38.05 -25.90
C LYS J 283 17.60 36.70 -25.45
N VAL J 284 16.45 36.33 -25.99
CA VAL J 284 15.85 35.06 -25.64
C VAL J 284 16.71 33.91 -26.14
N VAL J 285 17.34 34.06 -27.30
CA VAL J 285 18.20 33.01 -27.78
C VAL J 285 19.32 32.75 -26.77
N THR J 286 19.83 33.83 -26.18
CA THR J 286 20.84 33.69 -25.14
C THR J 286 20.29 32.87 -23.98
N LEU J 287 19.10 33.21 -23.52
CA LEU J 287 18.51 32.46 -22.42
C LEU J 287 18.38 30.97 -22.73
N ILE J 288 17.99 30.60 -23.95
CA ILE J 288 17.90 29.17 -24.24
C ILE J 288 19.33 28.58 -24.27
N ASP J 289 20.27 29.27 -24.92
CA ASP J 289 21.65 28.76 -24.98
C ASP J 289 22.28 28.46 -23.62
N ASN J 290 21.92 29.20 -22.58
CA ASN J 290 22.47 28.92 -21.27
C ASN J 290 21.49 28.05 -20.46
N LYS J 291 20.54 27.43 -21.16
CA LYS J 291 19.63 26.44 -20.59
C LYS J 291 18.69 26.98 -19.50
N GLU J 292 18.55 28.30 -19.43
CA GLU J 292 17.72 28.99 -18.44
C GLU J 292 16.21 28.88 -18.70
N HIS J 293 15.86 28.47 -19.90
CA HIS J 293 14.47 28.24 -20.29
C HIS J 293 13.86 27.00 -19.62
N LEU J 294 14.73 26.19 -19.02
CA LEU J 294 14.35 24.95 -18.35
C LEU J 294 14.04 25.11 -16.85
N THR J 295 13.95 26.35 -16.38
CA THR J 295 13.56 26.64 -15.00
C THR J 295 12.27 27.45 -15.01
N SER J 296 11.50 27.35 -13.94
CA SER J 296 10.25 28.08 -13.81
C SER J 296 10.42 29.59 -13.91
N GLU J 297 11.38 30.12 -13.17
CA GLU J 297 11.62 31.56 -13.16
C GLU J 297 11.99 32.04 -14.56
N GLY J 298 12.91 31.33 -15.20
CA GLY J 298 13.33 31.67 -16.55
C GLY J 298 12.24 31.56 -17.60
N LEU J 299 11.41 30.52 -17.52
CA LEU J 299 10.31 30.36 -18.46
C LEU J 299 9.35 31.53 -18.33
N GLU J 300 9.09 31.94 -17.08
CA GLU J 300 8.29 33.13 -16.87
C GLU J 300 8.93 34.37 -17.49
N LYS J 301 10.22 34.55 -17.29
CA LYS J 301 10.94 35.67 -17.91
C LYS J 301 10.73 35.74 -19.43
N ILE J 302 11.02 34.63 -20.10
CA ILE J 302 10.94 34.59 -21.55
C ILE J 302 9.48 34.83 -21.97
N GLN J 303 8.50 34.17 -21.33
CA GLN J 303 7.09 34.43 -21.62
C GLN J 303 6.74 35.91 -21.58
N LYS J 304 7.24 36.62 -20.56
CA LYS J 304 6.96 38.04 -20.44
C LYS J 304 7.54 38.77 -21.66
N ILE J 305 8.74 38.37 -22.04
CA ILE J 305 9.38 38.97 -23.21
C ILE J 305 8.65 38.69 -24.52
N LYS J 306 8.27 37.44 -24.77
CA LYS J 306 7.54 37.11 -25.97
C LYS J 306 6.30 37.98 -26.01
N GLU J 307 5.65 38.13 -24.86
CA GLU J 307 4.42 38.93 -24.84
C GLU J 307 4.73 40.40 -25.12
N GLY J 308 5.98 40.82 -24.91
CA GLY J 308 6.33 42.20 -25.18
C GLY J 308 7.08 42.44 -26.49
N MET J 309 7.17 41.40 -27.30
CA MET J 309 7.89 41.45 -28.57
C MET J 309 6.83 41.48 -29.70
N ASN J 310 7.18 41.97 -30.88
CA ASN J 310 6.29 41.89 -32.05
C ASN J 310 4.90 42.48 -31.81
N ARG J 311 3.87 41.67 -32.00
CA ARG J 311 2.49 42.13 -31.87
C ARG J 311 2.05 42.69 -30.52
N GLY J 312 2.65 42.29 -29.40
CA GLY J 312 2.17 42.89 -28.18
C GLY J 312 2.82 44.24 -27.92
N ARG J 313 3.80 44.61 -28.74
CA ARG J 313 4.44 45.93 -28.61
C ARG J 313 3.49 47.01 -29.13
N SER J 314 3.34 48.10 -28.40
CA SER J 314 2.39 49.14 -28.78
C SER J 314 2.94 50.53 -28.49
CA CA M . -15.22 25.45 -3.07
CA CA N . -13.53 29.20 1.13
CA CA O . 16.34 -25.96 2.86
CA CA P . 15.34 -29.10 -1.67
CA CA Q . -6.07 -40.23 49.55
CA CA R . -7.16 -43.30 45.95
CA CA S . 5.90 43.70 -43.75
CA CA T . 4.92 40.38 -49.24
#